data_5T67
#
_entry.id   5T67
#
_cell.length_a   51.088
_cell.length_b   108.893
_cell.length_c   142.783
_cell.angle_alpha   90.00
_cell.angle_beta   90.00
_cell.angle_gamma   90.00
#
_symmetry.space_group_name_H-M   'P 21 21 21'
#
loop_
_entity.id
_entity.type
_entity.pdbx_description
1 polymer 'Sugar 3-C-methyl transferase'
2 non-polymer 'ZINC ION'
3 non-polymer S-ADENOSYL-L-HOMOCYSTEINE
4 non-polymer '(2R,4S,6R)-4-amino-4,6-dimethyl-5-oxotetrahydro-2H-pyran-2-yl [(2R,3S,5R)-3-hydroxy-5-(5-methyl-2,4-dioxo-3,4-dihydropyrimidin-1(2H)-yl)tetrahydrofuran-2-yl]methyl dihydrogen diphosphate (non-preferred name)'
5 non-polymer 1,2-ETHANEDIOL
6 non-polymer 'MAGNESIUM ION'
7 non-polymer 'CHLORIDE ION'
8 water water
#
_entity_poly.entity_id   1
_entity_poly.type   'polypeptide(L)'
_entity_poly.pdbx_seq_one_letter_code
;GHMTGPTDATAPARCRVCGDTVDEFLDLGRQPLSDRFLTPADTDGEFFYRLAVGRCHACGMVQLTEEVPRHLMFHEEYPY
HSSGSSVMREHFAKVAQRLLATELTGADPFVVEIGCNDGIMLRAVHEAGVRHLGFEPSAGVAEVARSRGVRVRTEFFEKA
TATAVRESEGPADVIYAANTMCHIPYLESVFQGADALLGPDGVVVFEDPYLGDIVAKTSFDQIYDEHFYLFSAGSVAAMA
ERFGFELVDVERLPVHGGEVRYTLARRGARTPTEAVGRLLAEEREQGLDDLATLRTFAANVHTVRDELVALLTRLRAEGH
RVVGYGATAKSATVTNFCGIGPDLVSFVCDTTPGKQHRLTPGKHLPVRPAEAFADPYPDYALLFAWNHADEIMAKEQEFR
QAGGRWILYVPEVRVL
;
_entity_poly.pdbx_strand_id   A,B
#
loop_
_chem_comp.id
_chem_comp.type
_chem_comp.name
_chem_comp.formula
CL non-polymer 'CHLORIDE ION' 'Cl -1'
EDO non-polymer 1,2-ETHANEDIOL 'C2 H6 O2'
JHZ non-polymer '(2R,4S,6R)-4-amino-4,6-dimethyl-5-oxotetrahydro-2H-pyran-2-yl [(2R,3S,5R)-3-hydroxy-5-(5-methyl-2,4-dioxo-3,4-dihydropyrimidin-1(2H)-yl)tetrahydrofuran-2-yl]methyl dihydrogen diphosphate (non-preferred name)' 'C17 H27 N3 O13 P2'
MG non-polymer 'MAGNESIUM ION' 'Mg 2'
ZN non-polymer 'ZINC ION' 'Zn 2'
#
# COMPACT_ATOMS: atom_id res chain seq x y z
N PRO A 12 -39.26 -3.98 -13.87
CA PRO A 12 -37.87 -3.56 -13.84
C PRO A 12 -37.05 -4.60 -13.10
N ALA A 13 -35.73 -4.47 -13.12
CA ALA A 13 -34.84 -5.46 -12.50
C ALA A 13 -35.15 -5.67 -11.02
N ARG A 14 -34.82 -6.86 -10.55
CA ARG A 14 -34.89 -7.15 -9.12
C ARG A 14 -33.52 -7.46 -8.52
N CYS A 15 -33.32 -6.95 -7.32
CA CYS A 15 -32.06 -7.11 -6.66
C CYS A 15 -31.72 -8.57 -6.40
N ARG A 16 -30.50 -9.01 -6.71
CA ARG A 16 -30.06 -10.38 -6.46
C ARG A 16 -29.78 -10.70 -5.00
N VAL A 17 -29.73 -9.68 -4.13
CA VAL A 17 -29.51 -9.89 -2.72
C VAL A 17 -30.87 -9.95 -2.06
N CYS A 18 -31.72 -8.94 -2.24
CA CYS A 18 -32.95 -8.91 -1.43
C CYS A 18 -34.25 -9.08 -2.19
N GLY A 19 -34.18 -9.07 -3.52
CA GLY A 19 -35.35 -9.23 -4.39
C GLY A 19 -36.20 -8.00 -4.62
N ASP A 20 -35.80 -6.84 -4.10
CA ASP A 20 -36.59 -5.62 -4.35
C ASP A 20 -36.13 -4.95 -5.65
N THR A 21 -36.66 -3.77 -5.94
CA THR A 21 -36.52 -3.17 -7.24
C THR A 21 -35.22 -2.36 -7.37
N VAL A 22 -34.58 -2.53 -8.54
CA VAL A 22 -33.28 -1.91 -8.83
C VAL A 22 -33.58 -0.77 -9.77
N ASP A 23 -33.05 0.41 -9.46
CA ASP A 23 -33.11 1.50 -10.41
C ASP A 23 -31.81 1.57 -11.21
N GLU A 24 -31.93 1.53 -12.52
CA GLU A 24 -30.76 1.62 -13.41
C GLU A 24 -30.24 3.04 -13.52
N PHE A 25 -28.91 3.21 -13.54
CA PHE A 25 -28.32 4.54 -13.67
C PHE A 25 -27.27 4.63 -14.75
N LEU A 26 -26.84 3.50 -15.33
CA LEU A 26 -25.86 3.53 -16.44
C LEU A 26 -26.05 2.37 -17.37
N ASP A 27 -26.21 2.65 -18.66
CA ASP A 27 -26.43 1.60 -19.65
C ASP A 27 -25.21 1.61 -20.58
N LEU A 28 -24.36 0.60 -20.46
CA LEU A 28 -23.15 0.46 -21.25
C LEU A 28 -23.30 -0.32 -22.59
N GLY A 29 -24.56 -0.58 -22.91
CA GLY A 29 -24.98 -1.29 -24.12
C GLY A 29 -24.60 -2.74 -24.25
N ARG A 30 -24.53 -3.19 -25.50
CA ARG A 30 -24.26 -4.61 -25.76
C ARG A 30 -22.76 -4.88 -25.58
N GLN A 31 -22.46 -5.96 -24.86
CA GLN A 31 -21.07 -6.22 -24.55
C GLN A 31 -20.76 -7.68 -24.72
N PRO A 32 -19.51 -8.01 -25.07
CA PRO A 32 -19.05 -9.41 -25.05
C PRO A 32 -18.66 -9.81 -23.63
N LEU A 33 -18.28 -11.09 -23.46
CA LEU A 33 -17.57 -11.54 -22.27
C LEU A 33 -16.17 -10.88 -22.27
N SER A 34 -15.80 -10.19 -21.15
CA SER A 34 -14.58 -9.43 -21.07
C SER A 34 -13.37 -10.28 -21.29
N ASP A 35 -13.40 -11.56 -20.89
CA ASP A 35 -12.18 -12.39 -20.94
C ASP A 35 -12.22 -13.48 -22.00
N ARG A 36 -13.13 -13.38 -22.98
CA ARG A 36 -13.24 -14.36 -24.05
C ARG A 36 -12.54 -13.80 -25.26
N PHE A 37 -11.20 -13.96 -25.28
CA PHE A 37 -10.36 -13.53 -26.39
C PHE A 37 -10.58 -14.55 -27.49
N LEU A 38 -10.62 -14.11 -28.73
CA LEU A 38 -11.16 -14.96 -29.81
C LEU A 38 -10.14 -15.34 -30.85
N THR A 39 -10.35 -16.45 -31.54
CA THR A 39 -9.71 -16.60 -32.85
C THR A 39 -10.72 -16.10 -33.91
N PRO A 40 -10.23 -15.78 -35.11
CA PRO A 40 -11.07 -15.40 -36.26
C PRO A 40 -12.30 -16.30 -36.40
N ALA A 41 -12.13 -17.61 -36.22
CA ALA A 41 -13.22 -18.57 -36.26
C ALA A 41 -14.34 -18.34 -35.24
N ASP A 42 -14.02 -17.70 -34.12
CA ASP A 42 -14.97 -17.52 -33.01
C ASP A 42 -15.87 -16.29 -33.14
N THR A 43 -15.58 -15.40 -34.10
CA THR A 43 -16.15 -14.07 -34.07
C THR A 43 -17.64 -14.21 -34.41
N ASP A 44 -18.02 -15.11 -35.31
CA ASP A 44 -19.44 -15.20 -35.69
C ASP A 44 -20.28 -15.70 -34.52
N GLY A 45 -19.77 -16.67 -33.76
CA GLY A 45 -20.48 -17.22 -32.59
C GLY A 45 -20.46 -16.44 -31.28
N GLU A 46 -20.03 -15.18 -31.35
CA GLU A 46 -19.55 -14.46 -30.16
C GLU A 46 -20.74 -14.08 -29.28
N PHE A 47 -20.64 -14.52 -28.04
CA PHE A 47 -21.65 -14.12 -27.07
C PHE A 47 -21.71 -12.63 -26.79
N PHE A 48 -22.90 -12.04 -26.72
CA PHE A 48 -23.11 -10.69 -26.19
C PHE A 48 -24.29 -10.66 -25.21
N TYR A 49 -24.28 -9.65 -24.36
CA TYR A 49 -25.32 -9.43 -23.35
C TYR A 49 -25.50 -7.93 -23.19
N ARG A 50 -26.54 -7.50 -22.47
CA ARG A 50 -26.68 -6.07 -22.20
C ARG A 50 -26.06 -5.72 -20.86
N LEU A 51 -25.02 -4.90 -20.84
CA LEU A 51 -24.39 -4.45 -19.59
C LEU A 51 -25.02 -3.14 -19.13
N ALA A 52 -25.62 -3.18 -17.94
CA ALA A 52 -26.16 -2.02 -17.35
C ALA A 52 -26.15 -2.18 -15.84
N VAL A 53 -26.03 -1.04 -15.19
CA VAL A 53 -25.84 -1.07 -13.74
C VAL A 53 -26.91 -0.25 -13.01
N GLY A 54 -27.37 -0.80 -11.90
CA GLY A 54 -28.35 -0.07 -11.10
C GLY A 54 -28.16 -0.25 -9.61
N ARG A 55 -29.01 0.42 -8.84
CA ARG A 55 -28.90 0.45 -7.40
C ARG A 55 -30.21 -0.09 -6.81
N CYS A 56 -30.13 -1.12 -5.96
CA CYS A 56 -31.36 -1.57 -5.27
C CYS A 56 -31.89 -0.47 -4.40
N HIS A 57 -33.15 -0.11 -4.50
CA HIS A 57 -33.63 1.03 -3.69
C HIS A 57 -33.78 0.67 -2.20
N ALA A 58 -33.88 -0.61 -1.89
CA ALA A 58 -34.06 -1.10 -0.52
C ALA A 58 -32.81 -1.30 0.28
N CYS A 59 -31.93 -2.14 -0.26
CA CYS A 59 -30.71 -2.50 0.39
C CYS A 59 -29.49 -1.74 -0.11
N GLY A 60 -29.65 -1.06 -1.23
CA GLY A 60 -28.56 -0.20 -1.69
C GLY A 60 -27.51 -0.87 -2.58
N MET A 61 -27.56 -2.18 -2.73
CA MET A 61 -26.55 -2.92 -3.48
C MET A 61 -26.56 -2.44 -4.95
N VAL A 62 -25.40 -2.03 -5.41
CA VAL A 62 -25.19 -1.61 -6.80
C VAL A 62 -24.76 -2.87 -7.55
N GLN A 63 -25.37 -3.11 -8.70
CA GLN A 63 -25.26 -4.41 -9.34
C GLN A 63 -25.64 -4.31 -10.81
N LEU A 64 -25.13 -5.27 -11.56
CA LEU A 64 -25.46 -5.40 -12.99
C LEU A 64 -26.91 -5.86 -13.09
N THR A 65 -27.55 -5.55 -14.19
CA THR A 65 -28.98 -5.98 -14.36
C THR A 65 -29.13 -7.32 -15.04
N GLU A 66 -28.08 -7.81 -15.68
CA GLU A 66 -28.14 -9.06 -16.39
C GLU A 66 -27.01 -9.92 -15.86
N GLU A 67 -27.41 -11.04 -15.26
CA GLU A 67 -26.49 -12.09 -14.82
C GLU A 67 -25.96 -12.92 -16.03
N VAL A 68 -24.64 -13.04 -16.19
CA VAL A 68 -24.03 -13.82 -17.27
C VAL A 68 -23.83 -15.19 -16.69
N PRO A 69 -24.26 -16.23 -17.41
CA PRO A 69 -24.06 -17.56 -16.84
C PRO A 69 -22.63 -17.90 -16.40
N ARG A 70 -22.44 -18.39 -15.18
CA ARG A 70 -21.06 -18.52 -14.68
C ARG A 70 -20.11 -19.39 -15.50
N HIS A 71 -20.59 -20.48 -16.13
CA HIS A 71 -19.76 -21.35 -16.94
C HIS A 71 -19.26 -20.73 -18.24
N LEU A 72 -19.88 -19.63 -18.66
CA LEU A 72 -19.40 -18.87 -19.80
C LEU A 72 -18.15 -18.03 -19.46
N MET A 73 -18.17 -17.51 -18.23
CA MET A 73 -17.04 -16.72 -17.71
C MET A 73 -15.89 -17.53 -17.19
N PHE A 74 -16.21 -18.57 -16.42
CA PHE A 74 -15.20 -19.27 -15.67
C PHE A 74 -15.20 -20.76 -16.05
N HIS A 75 -14.06 -21.21 -16.53
CA HIS A 75 -13.94 -22.45 -17.32
C HIS A 75 -12.44 -22.68 -17.55
N GLU A 76 -12.14 -23.83 -18.15
CA GLU A 76 -10.81 -24.30 -18.19
C GLU A 76 -9.84 -23.29 -18.76
N GLU A 77 -10.25 -22.54 -19.80
CA GLU A 77 -9.40 -21.61 -20.53
C GLU A 77 -9.50 -20.16 -20.06
N TYR A 78 -10.09 -19.94 -18.90
CA TYR A 78 -10.12 -18.58 -18.32
C TYR A 78 -8.68 -18.01 -18.36
N PRO A 79 -8.48 -16.81 -18.94
CA PRO A 79 -7.13 -16.35 -19.29
C PRO A 79 -6.40 -15.47 -18.31
N TYR A 80 -7.10 -15.01 -17.28
CA TYR A 80 -6.40 -14.11 -16.31
C TYR A 80 -5.56 -14.94 -15.33
N HIS A 81 -4.24 -14.71 -15.34
CA HIS A 81 -3.26 -15.21 -14.39
C HIS A 81 -2.87 -14.12 -13.41
N SER A 82 -3.26 -14.30 -12.19
CA SER A 82 -3.05 -13.25 -11.18
C SER A 82 -1.56 -12.93 -10.99
N SER A 83 -0.71 -13.92 -11.16
CA SER A 83 0.70 -13.72 -10.83
C SER A 83 1.52 -13.03 -11.93
N GLY A 84 0.90 -12.47 -12.97
CA GLY A 84 1.58 -11.63 -13.95
C GLY A 84 1.81 -10.18 -13.55
N SER A 85 1.76 -9.90 -12.27
CA SER A 85 2.13 -8.60 -11.84
C SER A 85 3.01 -8.67 -10.62
N SER A 86 4.14 -7.98 -10.60
CA SER A 86 4.99 -8.03 -9.40
C SER A 86 4.33 -7.44 -8.16
N VAL A 87 3.70 -6.28 -8.35
CA VAL A 87 2.96 -5.56 -7.33
C VAL A 87 1.87 -6.49 -6.76
N MET A 88 1.17 -7.23 -7.61
CA MET A 88 0.18 -8.13 -7.05
C MET A 88 0.73 -9.38 -6.36
N ARG A 89 1.86 -9.91 -6.81
CA ARG A 89 2.48 -11.03 -6.07
C ARG A 89 2.85 -10.61 -4.63
N GLU A 90 3.38 -9.41 -4.50
CA GLU A 90 3.83 -8.91 -3.21
C GLU A 90 2.62 -8.56 -2.37
N HIS A 91 1.56 -7.99 -2.99
CA HIS A 91 0.32 -7.78 -2.26
C HIS A 91 -0.21 -9.05 -1.58
N PHE A 92 -0.33 -10.13 -2.34
CA PHE A 92 -0.84 -11.37 -1.83
C PHE A 92 0.10 -12.10 -0.86
N ALA A 93 1.41 -11.88 -1.01
CA ALA A 93 2.28 -12.42 0.03
C ALA A 93 1.99 -11.74 1.42
N LYS A 94 1.71 -10.44 1.41
CA LYS A 94 1.30 -9.69 2.59
C LYS A 94 -0.08 -10.05 3.07
N VAL A 95 -0.99 -10.38 2.16
CA VAL A 95 -2.26 -10.94 2.56
C VAL A 95 -2.07 -12.24 3.31
N ALA A 96 -1.26 -13.14 2.78
CA ALA A 96 -1.01 -14.42 3.48
C ALA A 96 -0.49 -14.14 4.91
N GLN A 97 0.47 -13.23 5.00
CA GLN A 97 0.93 -12.86 6.34
C GLN A 97 -0.13 -12.33 7.29
N ARG A 98 -0.97 -11.41 6.81
CA ARG A 98 -2.07 -10.90 7.60
C ARG A 98 -2.92 -12.03 8.13
N LEU A 99 -3.38 -12.93 7.24
CA LEU A 99 -4.27 -13.98 7.66
C LEU A 99 -3.60 -14.95 8.71
N LEU A 100 -2.36 -15.28 8.43
CA LEU A 100 -1.54 -16.17 9.22
C LEU A 100 -1.29 -15.54 10.58
N ALA A 101 -1.15 -14.21 10.61
CA ALA A 101 -0.88 -13.48 11.86
C ALA A 101 -2.10 -13.25 12.74
N THR A 102 -3.28 -13.15 12.17
CA THR A 102 -4.45 -12.69 12.87
C THR A 102 -5.66 -13.57 12.88
N GLU A 103 -5.75 -14.54 11.99
CA GLU A 103 -6.97 -15.31 11.93
C GLU A 103 -6.86 -16.81 12.19
N LEU A 104 -5.69 -17.29 12.61
CA LEU A 104 -5.53 -18.69 12.99
C LEU A 104 -5.60 -18.98 14.50
N THR A 105 -6.25 -20.08 14.82
CA THR A 105 -6.18 -20.59 16.19
C THR A 105 -5.88 -22.08 16.21
N GLY A 106 -5.20 -22.57 17.24
CA GLY A 106 -5.21 -24.02 17.50
C GLY A 106 -4.05 -24.72 16.83
N ALA A 107 -4.12 -26.05 16.84
CA ALA A 107 -3.01 -26.91 16.47
C ALA A 107 -2.98 -27.20 14.97
N ASP A 108 -4.14 -27.13 14.33
CA ASP A 108 -4.29 -27.56 12.93
C ASP A 108 -5.26 -26.58 12.25
N PRO A 109 -4.90 -25.29 12.18
CA PRO A 109 -5.82 -24.35 11.54
C PRO A 109 -5.91 -24.57 10.01
N PHE A 110 -6.98 -24.02 9.40
CA PHE A 110 -7.36 -24.36 8.03
C PHE A 110 -7.73 -23.02 7.34
N VAL A 111 -6.98 -22.68 6.30
CA VAL A 111 -7.28 -21.43 5.49
C VAL A 111 -7.99 -21.82 4.18
N VAL A 112 -9.11 -21.22 3.84
CA VAL A 112 -9.82 -21.53 2.61
C VAL A 112 -9.77 -20.25 1.76
N GLU A 113 -9.45 -20.44 0.48
CA GLU A 113 -9.61 -19.32 -0.48
C GLU A 113 -10.61 -19.65 -1.58
N ILE A 114 -11.49 -18.68 -1.88
CA ILE A 114 -12.37 -18.79 -3.01
C ILE A 114 -11.76 -17.96 -4.14
N GLY A 115 -11.52 -18.55 -5.30
CA GLY A 115 -10.97 -17.86 -6.47
C GLY A 115 -9.46 -17.72 -6.32
N CYS A 116 -8.79 -18.83 -5.97
CA CYS A 116 -7.34 -18.76 -5.75
C CYS A 116 -6.54 -18.65 -7.01
N ASN A 117 -7.13 -18.88 -8.18
CA ASN A 117 -6.46 -18.63 -9.45
C ASN A 117 -5.18 -19.49 -9.46
N ASP A 118 -4.07 -18.86 -9.81
CA ASP A 118 -2.76 -19.48 -9.93
C ASP A 118 -2.01 -19.63 -8.57
N GLY A 119 -2.70 -19.37 -7.46
CA GLY A 119 -2.16 -19.66 -6.15
C GLY A 119 -1.29 -18.52 -5.61
N ILE A 120 -1.44 -17.32 -6.17
CA ILE A 120 -0.72 -16.09 -5.80
C ILE A 120 -0.76 -15.86 -4.30
N MET A 121 -1.84 -16.24 -3.61
CA MET A 121 -1.91 -16.10 -2.15
C MET A 121 -1.66 -17.42 -1.44
N LEU A 122 -2.36 -18.47 -1.81
CA LEU A 122 -2.22 -19.70 -1.02
C LEU A 122 -0.85 -20.34 -1.08
N ARG A 123 -0.10 -20.06 -2.12
CA ARG A 123 1.21 -20.65 -2.19
C ARG A 123 2.00 -20.21 -0.94
N ALA A 124 1.83 -18.96 -0.48
CA ALA A 124 2.56 -18.57 0.72
C ALA A 124 2.03 -19.29 1.97
N VAL A 125 0.73 -19.56 2.04
CA VAL A 125 0.12 -20.26 3.15
C VAL A 125 0.65 -21.70 3.23
N HIS A 126 0.65 -22.39 2.09
CA HIS A 126 1.29 -23.69 1.93
C HIS A 126 2.77 -23.68 2.40
N GLU A 127 3.60 -22.76 1.92
CA GLU A 127 5.03 -22.72 2.24
C GLU A 127 5.26 -22.55 3.76
N ALA A 128 4.31 -21.92 4.44
CA ALA A 128 4.35 -21.73 5.90
C ALA A 128 3.91 -22.97 6.68
N GLY A 129 3.56 -24.05 5.98
CA GLY A 129 3.06 -25.29 6.59
C GLY A 129 1.63 -25.25 7.05
N VAL A 130 0.83 -24.28 6.61
CA VAL A 130 -0.52 -24.21 7.11
C VAL A 130 -1.49 -24.94 6.21
N ARG A 131 -2.34 -25.78 6.80
CA ARG A 131 -3.36 -26.48 6.03
C ARG A 131 -4.31 -25.54 5.32
N HIS A 132 -4.71 -25.89 4.12
CA HIS A 132 -5.41 -24.89 3.32
C HIS A 132 -6.13 -25.58 2.18
N LEU A 133 -7.01 -24.84 1.52
CA LEU A 133 -7.75 -25.38 0.42
C LEU A 133 -8.21 -24.21 -0.44
N GLY A 134 -8.00 -24.34 -1.74
CA GLY A 134 -8.65 -23.35 -2.63
C GLY A 134 -9.77 -23.92 -3.47
N PHE A 135 -10.72 -23.06 -3.82
CA PHE A 135 -11.80 -23.43 -4.78
C PHE A 135 -11.50 -22.59 -6.01
N GLU A 136 -11.25 -23.24 -7.15
CA GLU A 136 -10.95 -22.56 -8.42
C GLU A 136 -11.59 -23.35 -9.57
N PRO A 137 -12.79 -22.95 -10.03
CA PRO A 137 -13.45 -23.69 -11.08
C PRO A 137 -12.87 -23.51 -12.44
N SER A 138 -11.87 -22.63 -12.61
CA SER A 138 -11.14 -22.51 -13.84
C SER A 138 -9.88 -23.33 -13.84
N ALA A 139 -9.95 -24.45 -14.60
CA ALA A 139 -8.90 -25.45 -14.44
C ALA A 139 -7.48 -25.02 -14.83
N GLY A 140 -7.27 -24.21 -15.87
CA GLY A 140 -5.93 -23.94 -16.29
C GLY A 140 -5.15 -23.16 -15.24
N VAL A 141 -5.79 -22.15 -14.66
CA VAL A 141 -5.08 -21.40 -13.58
C VAL A 141 -4.96 -22.29 -12.37
N ALA A 142 -5.96 -23.09 -12.10
CA ALA A 142 -5.87 -24.06 -10.95
C ALA A 142 -4.68 -24.95 -11.09
N GLU A 143 -4.37 -25.39 -12.32
CA GLU A 143 -3.16 -26.20 -12.48
C GLU A 143 -1.88 -25.45 -12.09
N VAL A 144 -1.73 -24.18 -12.49
CA VAL A 144 -0.67 -23.37 -11.92
C VAL A 144 -0.55 -23.42 -10.38
N ALA A 145 -1.66 -23.18 -9.68
CA ALA A 145 -1.71 -23.21 -8.25
C ALA A 145 -1.17 -24.58 -7.80
N ARG A 146 -1.68 -25.65 -8.39
CA ARG A 146 -1.27 -27.02 -7.96
C ARG A 146 0.21 -27.24 -8.16
N SER A 147 0.79 -26.70 -9.23
CA SER A 147 2.21 -26.84 -9.55
C SER A 147 3.07 -26.17 -8.50
N ARG A 148 2.48 -25.22 -7.74
CA ARG A 148 3.15 -24.56 -6.60
C ARG A 148 2.91 -25.22 -5.24
N GLY A 149 2.26 -26.37 -5.22
CA GLY A 149 2.06 -27.10 -3.98
C GLY A 149 0.74 -26.82 -3.36
N VAL A 150 -0.11 -25.97 -3.95
CA VAL A 150 -1.45 -25.69 -3.45
C VAL A 150 -2.49 -26.77 -3.63
N ARG A 151 -3.24 -27.09 -2.58
CA ARG A 151 -4.47 -27.88 -2.76
C ARG A 151 -5.64 -27.10 -3.29
N VAL A 152 -6.19 -27.57 -4.41
CA VAL A 152 -7.24 -26.81 -5.13
C VAL A 152 -8.30 -27.75 -5.67
N ARG A 153 -9.54 -27.53 -5.27
CA ARG A 153 -10.67 -28.15 -5.91
C ARG A 153 -11.15 -27.32 -7.07
N THR A 154 -11.29 -28.00 -8.22
CA THR A 154 -11.81 -27.36 -9.44
CA THR A 154 -11.81 -27.34 -9.42
C THR A 154 -13.33 -27.36 -9.38
N GLU A 155 -13.88 -26.47 -8.61
CA GLU A 155 -15.30 -26.42 -8.39
C GLU A 155 -15.67 -25.03 -7.90
N PHE A 156 -16.92 -24.68 -8.08
CA PHE A 156 -17.43 -23.38 -7.65
C PHE A 156 -17.71 -23.50 -6.15
N PHE A 157 -17.30 -22.51 -5.37
CA PHE A 157 -17.71 -22.39 -3.95
C PHE A 157 -19.16 -21.93 -3.96
N GLU A 158 -19.98 -22.69 -3.23
CA GLU A 158 -21.38 -22.42 -3.02
C GLU A 158 -21.80 -23.31 -1.84
N LYS A 159 -23.06 -23.24 -1.45
CA LYS A 159 -23.47 -23.90 -0.19
C LYS A 159 -23.09 -25.36 -0.16
N ALA A 160 -23.52 -26.11 -1.18
CA ALA A 160 -23.26 -27.54 -1.14
C ALA A 160 -21.79 -27.94 -1.13
N THR A 161 -20.93 -27.28 -1.95
CA THR A 161 -19.50 -27.61 -1.99
C THR A 161 -18.78 -27.24 -0.70
N ALA A 162 -19.13 -26.10 -0.11
CA ALA A 162 -18.56 -25.69 1.17
C ALA A 162 -18.88 -26.69 2.32
N THR A 163 -20.13 -27.08 2.30
CA THR A 163 -20.76 -27.90 3.34
C THR A 163 -20.05 -29.28 3.23
N ALA A 164 -19.83 -29.78 2.01
CA ALA A 164 -19.07 -31.04 1.81
C ALA A 164 -17.66 -30.95 2.31
N VAL A 165 -17.00 -29.82 2.05
CA VAL A 165 -15.65 -29.60 2.58
C VAL A 165 -15.64 -29.52 4.11
N ARG A 166 -16.70 -28.97 4.71
CA ARG A 166 -16.78 -28.88 6.17
C ARG A 166 -16.72 -30.30 6.78
N GLU A 167 -17.45 -31.20 6.15
CA GLU A 167 -17.46 -32.62 6.57
C GLU A 167 -16.11 -33.30 6.40
N SER A 168 -15.39 -33.04 5.30
CA SER A 168 -14.16 -33.80 5.06
C SER A 168 -12.95 -33.16 5.67
N GLU A 169 -12.90 -31.83 5.67
CA GLU A 169 -11.79 -31.09 6.17
C GLU A 169 -12.00 -30.46 7.55
N GLY A 170 -13.21 -30.37 8.04
CA GLY A 170 -13.41 -29.71 9.31
C GLY A 170 -13.47 -28.18 9.15
N PRO A 171 -13.57 -27.50 10.30
CA PRO A 171 -13.90 -26.07 10.22
C PRO A 171 -12.75 -25.27 9.70
N ALA A 172 -13.11 -24.15 9.01
CA ALA A 172 -12.08 -23.22 8.58
C ALA A 172 -11.93 -22.02 9.51
N ASP A 173 -10.71 -21.57 9.69
CA ASP A 173 -10.42 -20.40 10.50
C ASP A 173 -10.79 -19.11 9.75
N VAL A 174 -10.71 -19.18 8.43
CA VAL A 174 -10.97 -17.98 7.60
C VAL A 174 -11.30 -18.49 6.17
N ILE A 175 -12.19 -17.76 5.49
CA ILE A 175 -12.46 -17.95 4.12
C ILE A 175 -12.12 -16.54 3.53
N TYR A 176 -11.14 -16.56 2.64
CA TYR A 176 -10.62 -15.41 1.94
C TYR A 176 -11.02 -15.39 0.47
N ALA A 177 -11.30 -14.22 -0.06
CA ALA A 177 -11.57 -14.06 -1.46
C ALA A 177 -11.16 -12.68 -1.95
N ALA A 178 -10.36 -12.65 -3.01
CA ALA A 178 -9.96 -11.40 -3.61
C ALA A 178 -10.44 -11.37 -5.06
N ASN A 179 -11.10 -10.25 -5.43
CA ASN A 179 -11.58 -10.04 -6.79
C ASN A 179 -12.38 -11.27 -7.24
N THR A 180 -13.15 -11.82 -6.29
CA THR A 180 -13.98 -13.00 -6.53
C THR A 180 -15.38 -12.79 -5.99
N MET A 181 -15.49 -12.31 -4.75
CA MET A 181 -16.85 -12.20 -4.18
C MET A 181 -17.72 -11.31 -5.08
N CYS A 182 -17.20 -10.26 -5.71
CA CYS A 182 -18.06 -9.40 -6.56
C CYS A 182 -18.43 -10.04 -7.88
N HIS A 183 -17.77 -11.14 -8.22
CA HIS A 183 -18.01 -11.89 -9.45
C HIS A 183 -19.12 -12.90 -9.29
N ILE A 184 -19.61 -13.04 -8.06
CA ILE A 184 -20.54 -14.10 -7.68
C ILE A 184 -21.96 -13.54 -7.35
N PRO A 185 -22.94 -13.66 -8.28
CA PRO A 185 -24.25 -13.11 -7.92
C PRO A 185 -24.93 -13.81 -6.77
N TYR A 186 -24.64 -15.09 -6.61
CA TYR A 186 -25.32 -15.98 -5.65
C TYR A 186 -24.76 -15.89 -4.24
N LEU A 187 -24.71 -14.67 -3.71
CA LEU A 187 -24.11 -14.39 -2.39
C LEU A 187 -24.76 -15.16 -1.26
N GLU A 188 -26.07 -15.35 -1.37
CA GLU A 188 -26.76 -16.04 -0.28
C GLU A 188 -26.26 -17.49 -0.17
N SER A 189 -26.04 -18.15 -1.29
CA SER A 189 -25.42 -19.47 -1.30
C SER A 189 -24.03 -19.46 -0.74
N VAL A 190 -23.24 -18.48 -1.13
CA VAL A 190 -21.89 -18.41 -0.58
C VAL A 190 -21.90 -18.29 0.92
N PHE A 191 -22.73 -17.41 1.45
CA PHE A 191 -22.74 -17.19 2.90
C PHE A 191 -23.39 -18.34 3.67
N GLN A 192 -24.35 -19.03 3.07
CA GLN A 192 -24.81 -20.32 3.62
C GLN A 192 -23.65 -21.28 3.70
N GLY A 193 -22.80 -21.30 2.68
CA GLY A 193 -21.64 -22.13 2.68
C GLY A 193 -20.65 -21.74 3.74
N ALA A 194 -20.43 -20.43 3.89
CA ALA A 194 -19.51 -19.95 4.91
C ALA A 194 -20.09 -20.30 6.29
N ASP A 195 -21.39 -20.18 6.47
CA ASP A 195 -21.95 -20.45 7.80
C ASP A 195 -21.70 -21.94 8.15
N ALA A 196 -21.95 -22.82 7.19
CA ALA A 196 -21.54 -24.24 7.34
C ALA A 196 -20.07 -24.49 7.57
N LEU A 197 -19.15 -23.78 6.91
CA LEU A 197 -17.75 -24.13 6.86
C LEU A 197 -16.85 -23.50 7.90
N LEU A 198 -17.08 -22.24 8.30
CA LEU A 198 -16.27 -21.55 9.31
C LEU A 198 -16.40 -22.18 10.72
N GLY A 199 -15.28 -22.22 11.38
CA GLY A 199 -15.21 -22.51 12.81
C GLY A 199 -15.82 -21.42 13.68
N PRO A 200 -15.72 -21.62 14.99
CA PRO A 200 -16.38 -20.72 15.94
C PRO A 200 -15.94 -19.28 15.86
N ASP A 201 -14.65 -19.01 15.70
CA ASP A 201 -14.21 -17.62 15.61
C ASP A 201 -13.84 -17.33 14.13
N GLY A 202 -14.52 -18.00 13.20
CA GLY A 202 -14.21 -17.82 11.78
C GLY A 202 -14.86 -16.62 11.13
N VAL A 203 -14.18 -16.11 10.09
CA VAL A 203 -14.64 -14.92 9.36
C VAL A 203 -14.46 -15.13 7.86
N VAL A 204 -15.23 -14.33 7.12
CA VAL A 204 -15.05 -14.23 5.68
C VAL A 204 -14.41 -12.89 5.43
N VAL A 205 -13.30 -12.86 4.68
CA VAL A 205 -12.52 -11.68 4.41
C VAL A 205 -12.48 -11.59 2.88
N PHE A 206 -12.94 -10.45 2.34
CA PHE A 206 -13.00 -10.31 0.88
C PHE A 206 -12.65 -8.91 0.45
N GLU A 207 -11.94 -8.85 -0.66
CA GLU A 207 -11.54 -7.56 -1.14
C GLU A 207 -11.95 -7.44 -2.59
N ASP A 208 -12.54 -6.29 -2.98
CA ASP A 208 -13.07 -6.13 -4.32
C ASP A 208 -13.08 -4.63 -4.71
N PRO A 209 -13.10 -4.30 -5.99
CA PRO A 209 -13.23 -2.95 -6.46
C PRO A 209 -14.30 -2.16 -5.72
N TYR A 210 -13.93 -1.03 -5.14
CA TYR A 210 -14.79 -0.23 -4.31
C TYR A 210 -15.61 0.79 -5.10
N LEU A 211 -16.92 0.75 -4.88
CA LEU A 211 -17.85 1.70 -5.51
C LEU A 211 -17.40 3.12 -5.28
N GLY A 212 -16.82 3.46 -4.12
CA GLY A 212 -16.48 4.87 -3.88
C GLY A 212 -15.39 5.34 -4.82
N ASP A 213 -14.40 4.46 -4.99
CA ASP A 213 -13.31 4.76 -5.94
C ASP A 213 -13.80 4.84 -7.39
N ILE A 214 -14.68 3.93 -7.81
CA ILE A 214 -15.22 3.92 -9.13
C ILE A 214 -15.90 5.23 -9.45
N VAL A 215 -16.73 5.65 -8.47
CA VAL A 215 -17.46 6.93 -8.65
C VAL A 215 -16.52 8.12 -8.64
N ALA A 216 -15.54 8.16 -7.73
CA ALA A 216 -14.59 9.22 -7.66
C ALA A 216 -13.63 9.34 -8.86
N LYS A 217 -13.33 8.22 -9.52
CA LYS A 217 -12.33 8.19 -10.60
C LYS A 217 -12.99 8.08 -11.96
N THR A 218 -14.31 8.04 -12.05
CA THR A 218 -15.05 7.77 -13.25
C THR A 218 -14.51 6.51 -13.97
N SER A 219 -14.26 5.47 -13.18
CA SER A 219 -13.59 4.31 -13.77
C SER A 219 -14.59 3.29 -14.16
N PHE A 220 -15.37 3.66 -15.19
CA PHE A 220 -16.34 2.79 -15.80
C PHE A 220 -15.90 1.45 -16.32
N ASP A 221 -14.61 1.34 -16.64
CA ASP A 221 -14.06 0.11 -17.17
C ASP A 221 -13.97 -0.95 -16.08
N GLN A 222 -14.23 -0.57 -14.83
CA GLN A 222 -14.38 -1.53 -13.75
C GLN A 222 -15.78 -2.20 -13.78
N ILE A 223 -16.62 -1.80 -14.73
CA ILE A 223 -17.93 -2.36 -14.95
C ILE A 223 -17.96 -3.22 -16.18
N TYR A 224 -18.10 -4.52 -15.95
CA TYR A 224 -18.15 -5.55 -16.96
C TYR A 224 -18.64 -6.85 -16.37
N ASP A 225 -18.73 -7.88 -17.21
CA ASP A 225 -19.48 -9.07 -16.92
C ASP A 225 -19.15 -9.70 -15.58
N GLU A 226 -17.85 -9.76 -15.30
CA GLU A 226 -17.36 -10.45 -14.09
C GLU A 226 -17.49 -9.57 -12.85
N HIS A 227 -17.78 -8.28 -12.97
CA HIS A 227 -18.05 -7.47 -11.82
C HIS A 227 -19.55 -7.29 -11.62
N PHE A 228 -20.20 -8.32 -11.08
CA PHE A 228 -21.67 -8.25 -10.91
C PHE A 228 -22.07 -7.23 -9.86
N TYR A 229 -21.29 -7.09 -8.78
CA TYR A 229 -21.55 -6.18 -7.67
C TYR A 229 -20.46 -5.13 -7.63
N LEU A 230 -20.84 -3.88 -7.39
CA LEU A 230 -19.88 -2.84 -7.02
C LEU A 230 -20.11 -2.49 -5.53
N PHE A 231 -19.37 -3.14 -4.64
CA PHE A 231 -19.63 -3.15 -3.21
C PHE A 231 -19.25 -1.83 -2.57
N SER A 232 -20.00 -1.49 -1.53
CA SER A 232 -19.58 -0.40 -0.63
C SER A 232 -19.77 -0.89 0.81
N ALA A 233 -19.30 -0.10 1.78
CA ALA A 233 -19.50 -0.54 3.16
C ALA A 233 -20.96 -0.61 3.50
N GLY A 234 -21.73 0.37 3.05
CA GLY A 234 -23.20 0.32 3.31
C GLY A 234 -23.90 -0.86 2.73
N SER A 235 -23.63 -1.18 1.47
CA SER A 235 -24.28 -2.35 0.87
C SER A 235 -23.81 -3.70 1.47
N VAL A 236 -22.54 -3.84 1.76
CA VAL A 236 -21.98 -5.04 2.33
C VAL A 236 -22.58 -5.20 3.74
N ALA A 237 -22.68 -4.11 4.51
CA ALA A 237 -23.24 -4.18 5.89
C ALA A 237 -24.67 -4.69 5.86
N ALA A 238 -25.45 -4.25 4.89
CA ALA A 238 -26.85 -4.68 4.75
C ALA A 238 -26.91 -6.13 4.30
N MET A 239 -26.05 -6.45 3.34
CA MET A 239 -26.01 -7.82 2.81
C MET A 239 -25.60 -8.77 3.95
N ALA A 240 -24.59 -8.44 4.76
CA ALA A 240 -24.09 -9.29 5.83
C ALA A 240 -25.25 -9.58 6.79
N GLU A 241 -25.92 -8.53 7.23
CA GLU A 241 -27.01 -8.69 8.18
C GLU A 241 -28.14 -9.58 7.65
N ARG A 242 -28.56 -9.38 6.41
CA ARG A 242 -29.52 -10.25 5.74
C ARG A 242 -29.16 -11.75 5.83
N PHE A 243 -27.90 -12.09 5.74
CA PHE A 243 -27.45 -13.50 5.75
C PHE A 243 -26.95 -13.98 7.10
N GLY A 244 -27.26 -13.23 8.15
CA GLY A 244 -26.83 -13.63 9.48
C GLY A 244 -25.40 -13.30 9.84
N PHE A 245 -24.74 -12.50 9.00
CA PHE A 245 -23.37 -12.06 9.27
C PHE A 245 -23.38 -10.56 9.64
N GLU A 246 -22.19 -10.03 9.84
CA GLU A 246 -21.98 -8.65 10.36
C GLU A 246 -20.68 -8.09 9.85
N LEU A 247 -20.76 -6.89 9.25
CA LEU A 247 -19.55 -6.21 8.83
C LEU A 247 -18.81 -5.71 10.08
N VAL A 248 -17.63 -6.23 10.30
CA VAL A 248 -16.88 -5.89 11.50
C VAL A 248 -15.52 -5.26 11.29
N ASP A 249 -15.09 -5.19 10.04
CA ASP A 249 -13.87 -4.44 9.78
C ASP A 249 -13.89 -4.13 8.27
N VAL A 250 -13.25 -3.01 7.98
CA VAL A 250 -13.00 -2.50 6.60
C VAL A 250 -11.57 -1.98 6.53
N GLU A 251 -11.01 -2.08 5.32
CA GLU A 251 -9.68 -1.58 5.05
C GLU A 251 -9.64 -1.17 3.59
N ARG A 252 -9.25 0.08 3.34
CA ARG A 252 -8.98 0.47 1.97
C ARG A 252 -7.68 -0.05 1.37
N LEU A 253 -7.70 -0.48 0.12
CA LEU A 253 -6.49 -0.95 -0.57
C LEU A 253 -6.31 -0.20 -1.88
N PRO A 254 -5.08 0.09 -2.30
CA PRO A 254 -4.90 0.88 -3.54
C PRO A 254 -4.90 0.08 -4.84
N VAL A 255 -4.83 -1.25 -4.68
CA VAL A 255 -4.73 -2.14 -5.87
C VAL A 255 -5.97 -2.12 -6.72
N HIS A 256 -5.83 -2.45 -8.02
CA HIS A 256 -6.89 -2.55 -8.98
C HIS A 256 -7.79 -1.31 -9.07
N GLY A 257 -7.20 -0.16 -8.91
CA GLY A 257 -7.90 1.10 -9.03
C GLY A 257 -8.59 1.57 -7.75
N GLY A 258 -8.46 0.83 -6.65
CA GLY A 258 -9.13 1.21 -5.42
C GLY A 258 -10.11 0.13 -4.99
N GLU A 259 -9.81 -0.49 -3.85
CA GLU A 259 -10.65 -1.53 -3.29
C GLU A 259 -10.89 -1.35 -1.80
N VAL A 260 -11.83 -2.11 -1.26
CA VAL A 260 -12.00 -2.24 0.18
C VAL A 260 -11.97 -3.74 0.45
N ARG A 261 -11.34 -4.04 1.56
CA ARG A 261 -11.34 -5.41 2.10
C ARG A 261 -12.31 -5.37 3.28
N TYR A 262 -13.32 -6.25 3.26
CA TYR A 262 -14.38 -6.38 4.21
C TYR A 262 -14.14 -7.64 5.05
N THR A 263 -14.41 -7.55 6.35
CA THR A 263 -14.35 -8.75 7.23
C THR A 263 -15.74 -8.95 7.81
N LEU A 264 -16.35 -10.12 7.62
CA LEU A 264 -17.68 -10.45 8.03
C LEU A 264 -17.59 -11.61 9.01
N ALA A 265 -18.14 -11.36 10.20
CA ALA A 265 -18.28 -12.38 11.24
C ALA A 265 -19.73 -12.77 11.39
N ARG A 266 -19.97 -13.91 12.05
CA ARG A 266 -21.36 -14.19 12.34
C ARG A 266 -21.87 -13.07 13.26
N ARG A 267 -23.14 -12.79 13.11
CA ARG A 267 -23.79 -11.66 13.81
C ARG A 267 -23.64 -11.80 15.29
N GLY A 268 -23.07 -10.80 15.96
CA GLY A 268 -22.89 -10.84 17.41
C GLY A 268 -21.56 -11.34 17.90
N ALA A 269 -20.82 -12.05 17.04
CA ALA A 269 -19.52 -12.64 17.39
C ALA A 269 -18.40 -11.67 17.67
N ARG A 270 -18.37 -10.55 16.96
CA ARG A 270 -17.28 -9.60 17.14
C ARG A 270 -17.77 -8.16 17.16
N THR A 271 -16.91 -7.32 17.69
CA THR A 271 -17.21 -5.91 17.84
C THR A 271 -16.74 -5.19 16.57
N PRO A 272 -17.68 -4.54 15.86
CA PRO A 272 -17.14 -3.80 14.69
C PRO A 272 -16.04 -2.83 15.06
N THR A 273 -15.00 -2.77 14.25
CA THR A 273 -13.96 -1.80 14.46
C THR A 273 -14.46 -0.37 14.15
N GLU A 274 -13.74 0.64 14.59
CA GLU A 274 -14.10 2.05 14.34
C GLU A 274 -13.96 2.39 12.84
N ALA A 275 -13.09 1.65 12.13
CA ALA A 275 -12.94 1.76 10.66
C ALA A 275 -14.26 1.62 9.90
N VAL A 276 -15.19 0.78 10.36
CA VAL A 276 -16.42 0.55 9.65
C VAL A 276 -17.27 1.83 9.65
N GLY A 277 -17.46 2.41 10.83
CA GLY A 277 -18.14 3.71 10.94
C GLY A 277 -17.45 4.83 10.19
N ARG A 278 -16.11 4.83 10.13
CA ARG A 278 -15.40 5.89 9.44
CA ARG A 278 -15.51 5.95 9.47
C ARG A 278 -15.66 5.82 7.94
N LEU A 279 -15.75 4.61 7.41
CA LEU A 279 -15.87 4.49 5.97
C LEU A 279 -17.30 4.81 5.61
N LEU A 280 -18.25 4.40 6.43
CA LEU A 280 -19.66 4.78 6.24
C LEU A 280 -19.77 6.32 6.19
N ALA A 281 -19.03 7.01 7.04
CA ALA A 281 -19.16 8.45 7.05
C ALA A 281 -18.57 8.99 5.77
N GLU A 282 -17.43 8.46 5.32
CA GLU A 282 -16.89 8.81 3.99
C GLU A 282 -17.92 8.66 2.90
N GLU A 283 -18.64 7.55 2.92
CA GLU A 283 -19.65 7.31 1.91
C GLU A 283 -20.73 8.43 1.95
N ARG A 284 -21.10 8.80 3.17
CA ARG A 284 -22.10 9.83 3.37
C ARG A 284 -21.59 11.17 2.86
N GLU A 285 -20.32 11.49 3.15
CA GLU A 285 -19.70 12.70 2.62
C GLU A 285 -19.68 12.70 1.10
N GLN A 286 -19.34 11.56 0.53
CA GLN A 286 -19.36 11.37 -0.95
C GLN A 286 -20.73 11.46 -1.63
N GLY A 287 -21.78 11.27 -0.84
CA GLY A 287 -23.15 11.10 -1.32
C GLY A 287 -23.34 9.81 -2.07
N LEU A 288 -22.65 8.73 -1.68
CA LEU A 288 -22.58 7.55 -2.53
C LEU A 288 -23.94 6.87 -2.60
N ASP A 289 -24.78 7.11 -1.59
CA ASP A 289 -26.04 6.42 -1.51
C ASP A 289 -27.16 7.25 -2.12
N ASP A 290 -26.86 8.43 -2.65
N ASP A 290 -26.84 8.43 -2.64
CA ASP A 290 -27.86 9.18 -3.40
CA ASP A 290 -27.79 9.29 -3.33
C ASP A 290 -27.77 8.78 -4.87
C ASP A 290 -27.81 8.90 -4.85
N LEU A 291 -28.90 8.33 -5.41
CA LEU A 291 -28.98 8.06 -6.88
C LEU A 291 -28.45 9.22 -7.74
N ALA A 292 -28.69 10.46 -7.30
CA ALA A 292 -28.16 11.59 -8.00
C ALA A 292 -26.65 11.54 -8.25
N THR A 293 -25.90 11.14 -7.24
CA THR A 293 -24.45 11.02 -7.35
C THR A 293 -24.14 10.02 -8.47
N LEU A 294 -24.98 8.99 -8.57
CA LEU A 294 -24.73 7.87 -9.46
C LEU A 294 -25.06 8.31 -10.85
N ARG A 295 -26.09 9.15 -10.95
CA ARG A 295 -26.41 9.77 -12.24
C ARG A 295 -25.35 10.71 -12.72
N THR A 296 -24.73 11.48 -11.82
CA THR A 296 -23.63 12.36 -12.20
C THR A 296 -22.41 11.55 -12.70
N PHE A 297 -22.13 10.46 -11.99
CA PHE A 297 -21.16 9.48 -12.49
C PHE A 297 -21.46 9.11 -13.94
N ALA A 298 -22.68 8.72 -14.24
CA ALA A 298 -23.05 8.24 -15.56
C ALA A 298 -22.85 9.36 -16.58
N ALA A 299 -23.16 10.61 -16.24
CA ALA A 299 -22.85 11.71 -17.17
C ALA A 299 -21.31 11.86 -17.37
N ASN A 300 -20.52 11.71 -16.31
CA ASN A 300 -19.08 11.77 -16.46
C ASN A 300 -18.59 10.64 -17.37
N VAL A 301 -19.22 9.48 -17.27
CA VAL A 301 -18.79 8.35 -18.11
C VAL A 301 -18.98 8.78 -19.57
N HIS A 302 -20.13 9.40 -19.83
CA HIS A 302 -20.40 9.84 -21.20
C HIS A 302 -19.45 10.88 -21.71
N THR A 303 -18.97 11.80 -20.87
CA THR A 303 -17.97 12.79 -21.24
C THR A 303 -16.66 12.05 -21.55
N VAL A 304 -16.32 11.05 -20.74
CA VAL A 304 -15.03 10.41 -20.98
C VAL A 304 -15.10 9.73 -22.34
N ARG A 305 -16.19 9.07 -22.66
CA ARG A 305 -16.33 8.41 -23.94
C ARG A 305 -16.18 9.43 -25.08
N ASP A 306 -16.93 10.53 -25.02
CA ASP A 306 -16.81 11.52 -26.09
C ASP A 306 -15.38 12.03 -26.22
N GLU A 307 -14.69 12.31 -25.12
CA GLU A 307 -13.39 12.89 -25.22
C GLU A 307 -12.36 11.90 -25.73
N LEU A 308 -12.46 10.64 -25.27
CA LEU A 308 -11.56 9.59 -25.75
C LEU A 308 -11.75 9.28 -27.22
N VAL A 309 -12.98 9.17 -27.68
CA VAL A 309 -13.23 8.88 -29.08
C VAL A 309 -12.77 10.07 -29.93
N ALA A 310 -12.99 11.30 -29.45
CA ALA A 310 -12.59 12.45 -30.25
C ALA A 310 -11.08 12.50 -30.35
N LEU A 311 -10.37 12.18 -29.26
CA LEU A 311 -8.92 12.21 -29.25
C LEU A 311 -8.42 11.12 -30.22
N LEU A 312 -8.95 9.91 -30.09
CA LEU A 312 -8.44 8.84 -30.95
C LEU A 312 -8.69 9.12 -32.44
N THR A 313 -9.84 9.70 -32.69
CA THR A 313 -10.24 10.05 -34.05
C THR A 313 -9.28 11.11 -34.59
N ARG A 314 -8.96 12.12 -33.78
CA ARG A 314 -8.01 13.17 -34.24
C ARG A 314 -6.62 12.61 -34.47
N LEU A 315 -6.15 11.72 -33.62
CA LEU A 315 -4.79 11.18 -33.75
C LEU A 315 -4.73 10.28 -35.01
N ARG A 316 -5.79 9.57 -35.28
CA ARG A 316 -5.87 8.77 -36.50
C ARG A 316 -5.86 9.79 -37.69
N ALA A 317 -6.71 10.80 -37.67
CA ALA A 317 -6.71 11.80 -38.75
C ALA A 317 -5.31 12.37 -39.07
N GLU A 318 -4.50 12.56 -38.05
CA GLU A 318 -3.10 13.08 -38.16
C GLU A 318 -2.06 12.08 -38.61
N GLY A 319 -2.51 10.84 -38.82
CA GLY A 319 -1.61 9.78 -39.23
C GLY A 319 -0.69 9.27 -38.16
N HIS A 320 -1.03 9.50 -36.88
CA HIS A 320 -0.29 8.83 -35.81
C HIS A 320 -0.62 7.37 -35.63
N ARG A 321 0.34 6.63 -35.12
CA ARG A 321 0.14 5.23 -34.72
C ARG A 321 -0.24 5.15 -33.24
N VAL A 322 -1.37 4.54 -32.97
CA VAL A 322 -1.82 4.31 -31.58
C VAL A 322 -1.95 2.82 -31.25
N VAL A 323 -1.38 2.41 -30.12
CA VAL A 323 -1.47 1.01 -29.71
CA VAL A 323 -1.34 1.00 -29.67
C VAL A 323 -1.88 0.97 -28.26
N GLY A 324 -2.66 -0.04 -27.95
CA GLY A 324 -3.13 -0.21 -26.62
C GLY A 324 -2.16 -1.01 -25.76
N TYR A 325 -2.11 -0.69 -24.45
CA TYR A 325 -1.18 -1.35 -23.59
C TYR A 325 -1.91 -2.05 -22.45
N GLY A 326 -1.88 -3.39 -22.53
CA GLY A 326 -2.54 -4.25 -21.58
C GLY A 326 -3.89 -4.65 -22.10
N ALA A 327 -4.03 -5.95 -22.43
CA ALA A 327 -5.33 -6.57 -22.78
C ALA A 327 -6.12 -6.88 -21.53
N THR A 328 -6.50 -5.84 -20.81
CA THR A 328 -7.29 -5.98 -19.62
C THR A 328 -8.72 -6.46 -19.91
N ALA A 329 -9.32 -7.15 -18.94
CA ALA A 329 -10.73 -7.46 -19.01
C ALA A 329 -11.49 -6.14 -19.12
N LYS A 330 -11.04 -5.18 -18.35
CA LYS A 330 -11.71 -3.86 -18.30
C LYS A 330 -11.83 -3.23 -19.67
N SER A 331 -10.76 -3.36 -20.43
CA SER A 331 -10.72 -2.72 -21.72
C SER A 331 -11.87 -3.14 -22.65
N ALA A 332 -12.46 -4.33 -22.52
CA ALA A 332 -13.65 -4.70 -23.32
C ALA A 332 -14.77 -3.68 -23.15
N THR A 333 -14.99 -3.15 -21.96
CA THR A 333 -16.08 -2.19 -21.72
C THR A 333 -15.74 -0.91 -22.49
N VAL A 334 -14.49 -0.50 -22.45
CA VAL A 334 -14.07 0.71 -23.15
C VAL A 334 -14.25 0.58 -24.65
N THR A 335 -13.72 -0.47 -25.24
CA THR A 335 -13.76 -0.57 -26.71
C THR A 335 -15.20 -0.70 -27.21
N ASN A 336 -15.99 -1.48 -26.51
CA ASN A 336 -17.34 -1.77 -26.96
C ASN A 336 -18.31 -0.61 -26.69
N PHE A 337 -18.24 -0.01 -25.51
CA PHE A 337 -19.09 1.16 -25.21
C PHE A 337 -18.66 2.34 -26.06
N CYS A 338 -17.37 2.48 -26.34
CA CYS A 338 -16.90 3.64 -27.05
C CYS A 338 -16.80 3.50 -28.56
N GLY A 339 -16.95 2.30 -29.07
CA GLY A 339 -16.91 2.11 -30.50
C GLY A 339 -15.47 2.17 -31.01
N ILE A 340 -14.53 1.61 -30.25
CA ILE A 340 -13.11 1.73 -30.61
C ILE A 340 -12.66 0.44 -31.23
N GLY A 341 -12.44 0.47 -32.55
CA GLY A 341 -11.95 -0.70 -33.26
C GLY A 341 -10.52 -0.56 -33.79
N PRO A 342 -10.06 -1.49 -34.63
CA PRO A 342 -8.71 -1.50 -35.15
C PRO A 342 -8.35 -0.23 -35.95
N ASP A 343 -9.36 0.48 -36.39
CA ASP A 343 -9.12 1.77 -37.07
C ASP A 343 -8.61 2.87 -36.18
N LEU A 344 -8.92 2.75 -34.88
CA LEU A 344 -8.52 3.73 -33.89
C LEU A 344 -7.40 3.28 -32.98
N VAL A 345 -7.34 1.97 -32.73
CA VAL A 345 -6.26 1.37 -31.97
C VAL A 345 -5.79 0.11 -32.66
N SER A 346 -4.55 0.10 -33.15
CA SER A 346 -4.19 -0.84 -34.16
C SER A 346 -4.00 -2.22 -33.59
N PHE A 347 -3.46 -2.29 -32.38
CA PHE A 347 -3.37 -3.55 -31.69
C PHE A 347 -3.19 -3.26 -30.20
N VAL A 348 -3.22 -4.31 -29.39
CA VAL A 348 -2.98 -4.19 -27.93
C VAL A 348 -1.83 -5.12 -27.52
N CYS A 349 -0.82 -4.61 -26.81
CA CYS A 349 0.30 -5.40 -26.32
CA CYS A 349 0.25 -5.48 -26.36
C CYS A 349 -0.06 -5.99 -24.95
N ASP A 350 0.29 -7.26 -24.71
CA ASP A 350 -0.02 -7.89 -23.42
C ASP A 350 1.02 -8.97 -23.13
N THR A 351 1.33 -9.11 -21.86
CA THR A 351 2.35 -10.03 -21.39
C THR A 351 1.79 -11.38 -21.13
N THR A 352 0.50 -11.62 -21.31
CA THR A 352 -0.06 -12.90 -20.88
C THR A 352 -0.04 -13.85 -22.09
N PRO A 353 0.72 -14.95 -22.02
CA PRO A 353 0.87 -15.77 -23.25
C PRO A 353 -0.42 -16.27 -23.88
N GLY A 354 -1.37 -16.59 -23.03
CA GLY A 354 -2.66 -17.11 -23.54
C GLY A 354 -3.60 -16.09 -24.19
N LYS A 355 -3.33 -14.81 -23.97
CA LYS A 355 -4.05 -13.70 -24.55
C LYS A 355 -3.42 -13.32 -25.87
N GLN A 356 -2.12 -13.55 -26.03
CA GLN A 356 -1.49 -13.15 -27.28
C GLN A 356 -1.99 -13.92 -28.51
N HIS A 357 -1.92 -13.27 -29.69
CA HIS A 357 -2.33 -13.97 -30.90
C HIS A 357 -3.79 -14.33 -30.97
N ARG A 358 -4.57 -13.47 -30.34
CA ARG A 358 -6.00 -13.60 -30.33
C ARG A 358 -6.55 -12.19 -30.48
N LEU A 359 -7.86 -12.09 -30.58
CA LEU A 359 -8.58 -10.84 -30.82
C LEU A 359 -9.35 -10.44 -29.57
N THR A 360 -9.36 -9.16 -29.25
CA THR A 360 -10.06 -8.68 -28.06
C THR A 360 -11.57 -8.81 -28.21
N PRO A 361 -12.27 -8.98 -27.09
CA PRO A 361 -13.70 -9.23 -27.16
C PRO A 361 -14.43 -8.07 -27.83
N GLY A 362 -15.40 -8.46 -28.66
CA GLY A 362 -16.35 -7.55 -29.33
C GLY A 362 -15.77 -6.75 -30.46
N LYS A 363 -14.67 -6.01 -30.17
CA LYS A 363 -14.09 -5.08 -31.14
C LYS A 363 -12.86 -5.62 -31.85
N HIS A 364 -12.33 -6.75 -31.38
CA HIS A 364 -11.38 -7.55 -32.12
C HIS A 364 -10.08 -6.86 -32.43
N LEU A 365 -9.55 -6.17 -31.44
CA LEU A 365 -8.19 -5.69 -31.60
C LEU A 365 -7.26 -6.87 -31.53
N PRO A 366 -6.25 -6.93 -32.44
CA PRO A 366 -5.27 -8.00 -32.30
C PRO A 366 -4.45 -7.82 -31.02
N VAL A 367 -4.24 -8.89 -30.27
CA VAL A 367 -3.36 -8.83 -29.14
C VAL A 367 -1.98 -9.40 -29.56
N ARG A 368 -0.93 -8.64 -29.30
CA ARG A 368 0.46 -9.03 -29.52
C ARG A 368 1.29 -9.06 -28.25
N PRO A 369 2.45 -9.74 -28.27
CA PRO A 369 3.33 -9.74 -27.12
C PRO A 369 3.84 -8.37 -26.86
N ALA A 370 4.25 -8.19 -25.60
CA ALA A 370 4.83 -6.93 -25.21
C ALA A 370 5.95 -6.49 -26.12
N GLU A 371 6.73 -7.44 -26.66
CA GLU A 371 7.91 -7.09 -27.47
C GLU A 371 7.54 -6.30 -28.72
N ALA A 372 6.30 -6.43 -29.16
CA ALA A 372 5.86 -5.79 -30.38
C ALA A 372 5.71 -4.28 -30.18
N PHE A 373 5.62 -3.85 -28.91
CA PHE A 373 5.52 -2.46 -28.58
C PHE A 373 6.70 -1.64 -29.09
N ALA A 374 7.85 -2.28 -29.17
CA ALA A 374 9.05 -1.64 -29.61
C ALA A 374 9.36 -1.79 -31.08
N ASP A 375 8.51 -2.40 -31.87
CA ASP A 375 8.85 -2.67 -33.25
C ASP A 375 7.95 -2.14 -34.36
N PRO A 376 7.96 -0.82 -34.64
CA PRO A 376 8.69 0.20 -33.88
C PRO A 376 7.81 0.80 -32.77
N TYR A 377 8.35 1.64 -31.89
CA TYR A 377 7.47 2.31 -30.93
C TYR A 377 6.40 3.11 -31.64
N PRO A 378 5.16 3.07 -31.14
CA PRO A 378 4.09 3.93 -31.66
C PRO A 378 4.29 5.36 -31.24
N ASP A 379 3.45 6.23 -31.79
CA ASP A 379 3.41 7.60 -31.34
C ASP A 379 2.66 7.76 -29.99
N TYR A 380 1.57 7.00 -29.82
CA TYR A 380 0.83 7.01 -28.59
C TYR A 380 0.51 5.59 -28.14
N ALA A 381 0.48 5.41 -26.82
CA ALA A 381 0.06 4.18 -26.22
C ALA A 381 -1.17 4.48 -25.35
N LEU A 382 -2.31 3.85 -25.64
CA LEU A 382 -3.52 3.97 -24.87
C LEU A 382 -3.42 3.01 -23.64
N LEU A 383 -3.34 3.59 -22.43
CA LEU A 383 -3.02 2.76 -21.26
C LEU A 383 -4.30 2.17 -20.71
N PHE A 384 -4.56 0.93 -21.10
CA PHE A 384 -5.68 0.16 -20.61
C PHE A 384 -5.32 -0.40 -19.20
N ALA A 385 -4.08 -0.75 -18.97
CA ALA A 385 -3.68 -1.28 -17.67
C ALA A 385 -3.28 -0.12 -16.77
N TRP A 386 -4.18 0.85 -16.63
CA TRP A 386 -3.90 2.11 -15.93
C TRP A 386 -3.65 1.90 -14.41
N ASN A 387 -4.22 0.84 -13.92
CA ASN A 387 -4.01 0.38 -12.50
C ASN A 387 -2.56 -0.07 -12.25
N HIS A 388 -1.84 -0.26 -13.34
CA HIS A 388 -0.39 -0.57 -13.34
C HIS A 388 0.44 0.51 -13.93
N ALA A 389 -0.05 1.74 -13.92
CA ALA A 389 0.67 2.79 -14.62
C ALA A 389 2.12 3.02 -14.30
N ASP A 390 2.42 3.05 -13.01
CA ASP A 390 3.80 3.38 -12.65
C ASP A 390 4.76 2.27 -13.11
N GLU A 391 4.39 1.02 -12.91
CA GLU A 391 5.22 -0.09 -13.36
C GLU A 391 5.50 0.06 -14.87
N ILE A 392 4.41 0.27 -15.62
CA ILE A 392 4.55 0.40 -17.08
C ILE A 392 5.29 1.65 -17.59
N MET A 393 4.90 2.83 -17.12
CA MET A 393 5.51 4.03 -17.63
C MET A 393 7.00 4.07 -17.23
N ALA A 394 7.30 3.44 -16.09
CA ALA A 394 8.66 3.45 -15.55
C ALA A 394 9.55 2.70 -16.54
N LYS A 395 9.12 1.49 -16.89
CA LYS A 395 9.98 0.62 -17.63
C LYS A 395 10.07 0.95 -19.11
N GLU A 396 9.04 1.61 -19.64
CA GLU A 396 9.10 1.93 -21.07
C GLU A 396 9.84 3.23 -21.33
N GLN A 397 11.14 3.29 -21.01
CA GLN A 397 11.90 4.53 -21.14
C GLN A 397 12.23 4.88 -22.60
N GLU A 398 12.53 3.89 -23.42
CA GLU A 398 12.84 4.15 -24.81
C GLU A 398 11.66 4.71 -25.53
N PHE A 399 10.47 4.27 -25.14
CA PHE A 399 9.27 4.83 -25.70
C PHE A 399 9.21 6.35 -25.50
N ARG A 400 9.46 6.76 -24.28
CA ARG A 400 9.36 8.17 -23.95
C ARG A 400 10.54 8.94 -24.53
N GLN A 401 11.70 8.32 -24.58
CA GLN A 401 12.85 8.94 -25.24
C GLN A 401 12.65 9.22 -26.73
N ALA A 402 11.89 8.36 -27.39
CA ALA A 402 11.60 8.55 -28.79
C ALA A 402 10.47 9.55 -28.98
N GLY A 403 9.97 10.14 -27.90
CA GLY A 403 8.86 11.07 -27.91
C GLY A 403 7.47 10.46 -27.77
N GLY A 404 7.38 9.20 -27.37
CA GLY A 404 6.08 8.54 -27.31
C GLY A 404 5.28 9.16 -26.17
N ARG A 405 3.97 9.19 -26.35
CA ARG A 405 3.04 9.75 -25.38
C ARG A 405 2.06 8.68 -24.91
N TRP A 406 1.69 8.78 -23.63
CA TRP A 406 0.64 7.97 -23.01
C TRP A 406 -0.71 8.68 -22.99
N ILE A 407 -1.76 7.93 -23.34
CA ILE A 407 -3.12 8.39 -23.25
C ILE A 407 -3.76 7.65 -22.09
N LEU A 408 -4.25 8.43 -21.15
CA LEU A 408 -4.99 7.89 -20.01
C LEU A 408 -6.41 8.40 -20.11
N TYR A 409 -7.36 7.63 -19.54
CA TYR A 409 -8.76 8.06 -19.56
C TYR A 409 -9.36 7.95 -18.14
N VAL A 410 -8.55 7.59 -17.17
CA VAL A 410 -8.94 7.61 -15.74
C VAL A 410 -7.99 8.54 -14.96
N PRO A 411 -8.46 9.54 -14.25
CA PRO A 411 -9.90 9.82 -14.00
C PRO A 411 -10.45 10.71 -15.11
N GLU A 412 -9.60 11.10 -16.03
CA GLU A 412 -10.09 11.84 -17.20
C GLU A 412 -9.16 11.55 -18.35
N VAL A 413 -9.64 11.91 -19.53
CA VAL A 413 -8.89 11.78 -20.76
C VAL A 413 -7.80 12.79 -20.80
N ARG A 414 -6.58 12.32 -20.95
CA ARG A 414 -5.42 13.17 -20.96
C ARG A 414 -4.22 12.51 -21.58
N VAL A 415 -3.34 13.35 -22.10
CA VAL A 415 -2.11 12.92 -22.76
C VAL A 415 -0.96 13.29 -21.89
N LEU A 416 -0.14 12.31 -21.55
CA LEU A 416 1.04 12.47 -20.70
C LEU A 416 2.36 12.08 -21.36
N PRO B 12 15.49 28.97 26.76
CA PRO B 12 15.24 29.63 25.49
C PRO B 12 15.35 28.70 24.26
N ALA B 13 14.51 27.66 24.18
CA ALA B 13 14.57 26.67 23.09
C ALA B 13 14.22 27.31 21.76
N ARG B 14 15.12 27.22 20.78
CA ARG B 14 14.96 27.97 19.53
C ARG B 14 14.68 27.08 18.31
N CYS B 15 13.72 27.52 17.51
CA CYS B 15 13.32 26.82 16.30
C CYS B 15 14.47 26.75 15.28
N ARG B 16 14.83 25.53 14.88
CA ARG B 16 15.92 25.29 13.97
C ARG B 16 15.56 25.66 12.56
N VAL B 17 14.27 25.86 12.24
CA VAL B 17 13.83 26.40 10.97
C VAL B 17 13.71 27.94 10.95
N CYS B 18 12.98 28.56 11.88
CA CYS B 18 12.76 30.03 11.84
C CYS B 18 13.36 30.82 12.99
N GLY B 19 13.81 30.15 14.03
CA GLY B 19 14.52 30.80 15.13
C GLY B 19 13.64 31.37 16.20
N ASP B 20 12.32 31.25 16.06
CA ASP B 20 11.39 31.68 17.11
C ASP B 20 11.40 30.67 18.24
N THR B 21 10.56 30.90 19.23
CA THR B 21 10.61 30.11 20.45
C THR B 21 9.79 28.83 20.30
N VAL B 22 10.39 27.75 20.81
CA VAL B 22 9.79 26.42 20.76
C VAL B 22 9.19 26.07 22.12
N ASP B 23 7.91 25.71 22.14
CA ASP B 23 7.27 25.33 23.40
C ASP B 23 7.34 23.80 23.55
N GLU B 24 8.02 23.36 24.58
CA GLU B 24 8.12 21.95 24.91
C GLU B 24 6.82 21.33 25.41
N PHE B 25 6.45 20.19 24.84
CA PHE B 25 5.24 19.47 25.30
C PHE B 25 5.46 18.04 25.76
N LEU B 26 6.66 17.49 25.55
CA LEU B 26 6.91 16.12 26.01
C LEU B 26 8.35 15.94 26.37
N ASP B 27 8.59 15.38 27.55
CA ASP B 27 9.94 15.19 28.03
C ASP B 27 10.17 13.68 28.20
N LEU B 28 11.02 13.08 27.37
CA LEU B 28 11.27 11.65 27.40
C LEU B 28 12.53 11.29 28.16
N GLY B 29 13.09 12.29 28.82
CA GLY B 29 14.20 12.09 29.73
C GLY B 29 15.57 11.74 29.14
N ARG B 30 16.41 11.15 29.98
CA ARG B 30 17.78 10.87 29.60
C ARG B 30 17.77 9.68 28.65
N GLN B 31 18.37 9.78 27.47
CA GLN B 31 18.36 8.68 26.53
C GLN B 31 19.73 8.46 25.91
N PRO B 32 20.07 7.20 25.54
CA PRO B 32 21.24 6.89 24.76
C PRO B 32 21.04 7.14 23.27
N LEU B 33 22.10 7.04 22.48
CA LEU B 33 22.00 7.03 21.01
C LEU B 33 21.32 5.73 20.59
N SER B 34 20.31 5.80 19.73
CA SER B 34 19.38 4.70 19.44
C SER B 34 20.00 3.47 18.76
N ASP B 35 21.05 3.70 17.98
CA ASP B 35 21.60 2.75 17.02
C ASP B 35 23.04 2.44 17.46
N ARG B 36 23.38 2.73 18.71
CA ARG B 36 24.70 2.51 19.33
C ARG B 36 24.69 1.34 20.31
N PHE B 37 24.72 0.13 19.75
CA PHE B 37 24.60 -1.06 20.60
C PHE B 37 25.98 -1.41 21.16
N LEU B 38 26.01 -1.78 22.44
CA LEU B 38 27.22 -1.88 23.23
C LEU B 38 27.76 -3.31 23.35
N THR B 39 29.07 -3.50 23.19
CA THR B 39 29.73 -4.70 23.73
C THR B 39 29.92 -4.52 25.23
N PRO B 40 30.20 -5.59 25.97
CA PRO B 40 29.97 -5.61 27.41
C PRO B 40 31.22 -5.32 28.26
N ASP B 44 30.86 1.40 29.45
CA ASP B 44 31.32 2.33 30.48
C ASP B 44 31.29 3.82 30.14
N GLY B 45 31.68 4.19 28.92
CA GLY B 45 31.59 5.59 28.47
C GLY B 45 30.28 5.98 27.79
N GLU B 46 29.14 5.64 28.39
CA GLU B 46 27.86 5.66 27.63
C GLU B 46 27.17 7.03 27.63
N PHE B 47 27.16 7.63 26.44
CA PHE B 47 26.40 8.83 26.12
C PHE B 47 24.91 8.82 26.47
N PHE B 48 24.49 9.82 27.23
CA PHE B 48 23.08 10.14 27.33
C PHE B 48 22.86 11.59 26.95
N TYR B 49 21.69 11.91 26.40
CA TYR B 49 21.31 13.32 26.17
C TYR B 49 19.90 13.47 26.64
N ARG B 50 19.43 14.71 26.78
CA ARG B 50 18.02 14.90 27.13
C ARG B 50 17.14 14.84 25.86
N LEU B 51 16.25 13.84 25.76
CA LEU B 51 15.24 13.81 24.69
C LEU B 51 13.92 14.46 25.08
N ALA B 52 13.57 15.51 24.37
CA ALA B 52 12.30 16.22 24.51
C ALA B 52 11.85 16.85 23.21
N VAL B 53 10.55 17.09 23.07
CA VAL B 53 9.99 17.56 21.83
C VAL B 53 9.13 18.78 22.12
N GLY B 54 9.16 19.75 21.22
CA GLY B 54 8.32 20.92 21.27
C GLY B 54 7.84 21.36 19.90
N ARG B 55 7.05 22.42 19.92
CA ARG B 55 6.46 23.01 18.75
C ARG B 55 6.82 24.48 18.68
N CYS B 56 7.48 24.88 17.60
CA CYS B 56 7.68 26.30 17.35
C CYS B 56 6.31 26.97 17.33
N HIS B 57 6.11 27.96 18.18
CA HIS B 57 4.78 28.61 18.23
C HIS B 57 4.56 29.41 16.96
N ALA B 58 5.61 29.75 16.22
CA ALA B 58 5.51 30.68 15.08
C ALA B 58 5.27 29.91 13.76
N CYS B 59 6.12 28.91 13.44
CA CYS B 59 5.97 28.18 12.17
C CYS B 59 5.38 26.80 12.35
N GLY B 60 5.13 26.38 13.58
CA GLY B 60 4.48 25.10 13.90
C GLY B 60 5.33 23.84 13.86
N MET B 61 6.60 23.99 13.49
CA MET B 61 7.46 22.82 13.34
C MET B 61 7.68 22.16 14.68
N VAL B 62 7.35 20.87 14.72
CA VAL B 62 7.60 20.03 15.87
C VAL B 62 8.99 19.43 15.72
N GLN B 63 9.77 19.46 16.81
CA GLN B 63 11.19 19.19 16.72
C GLN B 63 11.76 18.85 18.09
N LEU B 64 12.86 18.10 18.12
CA LEU B 64 13.59 17.76 19.33
C LEU B 64 14.22 19.06 19.90
N THR B 65 14.38 19.07 21.21
CA THR B 65 14.89 20.31 21.86
C THR B 65 16.44 20.31 21.91
N GLU B 66 17.09 19.15 21.78
CA GLU B 66 18.53 19.02 21.70
C GLU B 66 18.97 18.19 20.49
N GLU B 67 19.95 18.72 19.75
CA GLU B 67 20.45 18.15 18.50
C GLU B 67 21.61 17.24 18.87
N VAL B 68 21.53 15.96 18.53
CA VAL B 68 22.71 15.07 18.71
C VAL B 68 23.76 15.35 17.61
N PRO B 69 25.03 15.60 17.99
CA PRO B 69 26.00 15.85 16.91
C PRO B 69 26.08 14.68 15.91
N ARG B 70 26.01 15.00 14.63
CA ARG B 70 25.63 14.06 13.57
C ARG B 70 26.65 12.97 13.27
N HIS B 71 27.90 13.24 13.60
CA HIS B 71 29.00 12.29 13.34
C HIS B 71 28.97 11.11 14.33
N LEU B 72 28.35 11.38 15.49
CA LEU B 72 27.99 10.35 16.46
C LEU B 72 26.88 9.45 15.94
N MET B 73 26.02 9.97 15.08
CA MET B 73 24.87 9.18 14.61
C MET B 73 25.09 8.43 13.29
N PHE B 74 25.74 9.14 12.36
CA PHE B 74 25.87 8.70 10.95
C PHE B 74 27.36 8.59 10.70
N HIS B 75 27.81 7.37 10.34
CA HIS B 75 29.20 6.97 10.52
C HIS B 75 29.46 5.69 9.71
N GLU B 76 30.68 5.14 9.75
CA GLU B 76 31.09 4.02 8.90
C GLU B 76 30.36 2.69 9.12
N GLU B 77 30.18 2.31 10.40
CA GLU B 77 29.48 1.07 10.83
C GLU B 77 27.96 1.18 11.04
N TYR B 78 27.36 2.26 10.54
CA TYR B 78 25.91 2.48 10.69
C TYR B 78 25.17 1.17 10.38
N PRO B 79 24.43 0.63 11.36
CA PRO B 79 23.93 -0.72 11.16
C PRO B 79 22.53 -0.84 10.49
N TYR B 80 22.00 0.25 9.88
CA TYR B 80 20.84 0.19 8.94
C TYR B 80 21.33 0.22 7.49
N HIS B 81 20.98 -0.85 6.79
CA HIS B 81 21.03 -0.95 5.34
C HIS B 81 19.56 -0.94 4.92
N SER B 82 19.15 -0.05 4.01
CA SER B 82 17.74 -0.02 3.58
C SER B 82 17.25 -1.36 3.00
N SER B 83 18.12 -1.98 2.21
CA SER B 83 17.89 -3.25 1.51
C SER B 83 17.75 -4.42 2.47
N GLY B 84 17.98 -4.24 3.76
CA GLY B 84 17.79 -5.36 4.69
C GLY B 84 16.38 -5.89 4.86
N SER B 85 15.39 -5.05 4.66
CA SER B 85 13.98 -5.39 4.87
C SER B 85 13.31 -5.69 3.52
N SER B 86 12.53 -6.77 3.44
CA SER B 86 11.80 -7.10 2.21
C SER B 86 10.78 -6.01 1.90
N VAL B 87 10.16 -5.50 2.96
CA VAL B 87 9.06 -4.58 2.73
C VAL B 87 9.57 -3.26 2.20
N MET B 88 10.76 -2.85 2.63
N MET B 88 10.75 -2.85 2.66
CA MET B 88 11.35 -1.64 2.11
CA MET B 88 11.40 -1.66 2.13
C MET B 88 12.02 -1.84 0.74
C MET B 88 11.95 -1.88 0.73
N ARG B 89 12.56 -3.04 0.47
CA ARG B 89 12.96 -3.41 -0.89
C ARG B 89 11.77 -3.23 -1.83
N GLU B 90 10.67 -3.84 -1.45
CA GLU B 90 9.45 -3.68 -2.24
C GLU B 90 8.93 -2.25 -2.31
N HIS B 91 8.93 -1.56 -1.18
CA HIS B 91 8.53 -0.17 -1.17
C HIS B 91 9.39 0.69 -2.11
N PHE B 92 10.71 0.53 -2.03
CA PHE B 92 11.59 1.34 -2.85
C PHE B 92 11.58 1.01 -4.35
N ALA B 93 11.32 -0.24 -4.66
CA ALA B 93 11.06 -0.58 -6.05
C ALA B 93 9.89 0.28 -6.56
N LYS B 94 8.79 0.36 -5.79
CA LYS B 94 7.65 1.15 -6.21
C LYS B 94 7.94 2.64 -6.27
N VAL B 95 8.79 3.14 -5.35
CA VAL B 95 9.18 4.55 -5.39
C VAL B 95 9.94 4.90 -6.66
N ALA B 96 10.88 4.03 -7.00
CA ALA B 96 11.63 4.16 -8.24
C ALA B 96 10.64 4.22 -9.42
N GLN B 97 9.65 3.35 -9.41
CA GLN B 97 8.72 3.31 -10.53
C GLN B 97 7.90 4.57 -10.53
N ARG B 98 7.46 5.01 -9.36
CA ARG B 98 6.78 6.31 -9.27
C ARG B 98 7.57 7.49 -9.84
N LEU B 99 8.84 7.63 -9.42
CA LEU B 99 9.61 8.80 -9.84
C LEU B 99 9.89 8.76 -11.35
N LEU B 100 10.26 7.56 -11.80
CA LEU B 100 10.55 7.30 -13.23
C LEU B 100 9.31 7.58 -14.10
N ALA B 101 8.15 7.13 -13.62
CA ALA B 101 6.86 7.39 -14.31
C ALA B 101 6.38 8.82 -14.35
N THR B 102 6.65 9.59 -13.30
CA THR B 102 5.93 10.84 -13.05
C THR B 102 6.78 12.08 -13.11
N GLU B 103 8.08 11.96 -12.84
CA GLU B 103 8.88 13.12 -12.63
C GLU B 103 10.13 13.19 -13.49
N LEU B 104 10.39 12.19 -14.31
CA LEU B 104 11.75 12.04 -14.82
C LEU B 104 11.51 11.85 -16.26
N THR B 105 11.01 12.96 -16.81
CA THR B 105 10.62 13.06 -18.18
C THR B 105 11.50 14.16 -18.79
N GLY B 106 11.91 13.93 -20.03
CA GLY B 106 12.69 14.89 -20.78
C GLY B 106 13.72 14.05 -21.49
N ALA B 107 14.59 14.73 -22.22
CA ALA B 107 15.65 14.09 -23.00
C ALA B 107 16.55 13.24 -22.14
N ASP B 108 17.16 13.92 -21.16
CA ASP B 108 18.17 13.37 -20.27
C ASP B 108 17.88 13.86 -18.86
N PRO B 109 16.89 13.22 -18.23
CA PRO B 109 16.52 13.59 -16.87
C PRO B 109 17.54 13.11 -15.84
N PHE B 110 17.62 13.85 -14.73
CA PHE B 110 18.56 13.61 -13.62
C PHE B 110 17.81 13.67 -12.27
N VAL B 111 17.90 12.56 -11.55
CA VAL B 111 17.46 12.46 -10.15
C VAL B 111 18.61 12.44 -9.15
N VAL B 112 18.50 13.27 -8.11
CA VAL B 112 19.42 13.23 -7.00
C VAL B 112 18.69 12.66 -5.78
N GLU B 113 19.34 11.77 -5.04
CA GLU B 113 18.83 11.32 -3.75
C GLU B 113 19.72 11.76 -2.60
N ILE B 114 19.06 12.29 -1.57
CA ILE B 114 19.64 12.49 -0.26
C ILE B 114 19.49 11.27 0.62
N GLY B 115 20.59 10.69 1.10
CA GLY B 115 20.43 9.56 2.00
C GLY B 115 20.09 8.21 1.39
N CYS B 116 20.74 7.99 0.25
CA CYS B 116 20.48 6.81 -0.59
C CYS B 116 20.87 5.52 0.08
N ASN B 117 21.70 5.60 1.14
CA ASN B 117 22.07 4.42 1.91
C ASN B 117 22.71 3.38 0.92
N ASP B 118 22.30 2.15 1.00
CA ASP B 118 22.86 1.09 0.15
C ASP B 118 22.22 1.01 -1.26
N GLY B 119 21.33 1.95 -1.55
CA GLY B 119 21.12 2.38 -2.93
C GLY B 119 20.02 1.59 -3.65
N ILE B 120 19.19 0.86 -2.90
CA ILE B 120 18.16 0.06 -3.53
C ILE B 120 17.28 0.89 -4.43
N MET B 121 16.91 2.08 -3.97
CA MET B 121 15.97 2.84 -4.79
C MET B 121 16.66 3.26 -6.08
N LEU B 122 17.85 3.85 -5.96
CA LEU B 122 18.53 4.34 -7.13
C LEU B 122 18.97 3.24 -8.11
N ARG B 123 19.09 2.04 -7.62
CA ARG B 123 19.50 1.01 -8.53
C ARG B 123 18.47 0.84 -9.64
N ALA B 124 17.21 1.06 -9.34
CA ALA B 124 16.19 0.83 -10.37
C ALA B 124 16.22 2.01 -11.32
N VAL B 125 16.64 3.16 -10.83
CA VAL B 125 16.78 4.33 -11.70
C VAL B 125 17.97 4.11 -12.66
N HIS B 126 19.01 3.48 -12.13
CA HIS B 126 20.23 3.17 -12.91
C HIS B 126 19.85 2.17 -14.00
N GLU B 127 19.13 1.12 -13.61
CA GLU B 127 18.67 0.13 -14.59
C GLU B 127 17.73 0.64 -15.67
N ALA B 128 16.87 1.60 -15.35
CA ALA B 128 16.10 2.28 -16.38
C ALA B 128 16.89 3.22 -17.30
N GLY B 129 18.19 3.41 -17.07
CA GLY B 129 19.05 4.20 -17.92
C GLY B 129 18.90 5.67 -17.65
N VAL B 130 18.49 6.00 -16.43
CA VAL B 130 18.35 7.39 -16.02
C VAL B 130 19.54 7.84 -15.18
N ARG B 131 19.95 9.08 -15.46
CA ARG B 131 21.13 9.66 -14.89
C ARG B 131 20.71 10.05 -13.47
N HIS B 132 21.63 9.93 -12.53
CA HIS B 132 21.29 10.14 -11.13
C HIS B 132 22.56 10.32 -10.29
N LEU B 133 22.42 10.56 -8.99
CA LEU B 133 23.55 10.72 -8.09
C LEU B 133 22.94 10.54 -6.70
N GLY B 134 23.41 9.58 -5.91
CA GLY B 134 23.15 9.54 -4.48
C GLY B 134 24.18 10.32 -3.66
N PHE B 135 23.69 10.92 -2.58
CA PHE B 135 24.53 11.48 -1.51
C PHE B 135 24.39 10.55 -0.34
N GLU B 136 25.52 10.00 0.08
CA GLU B 136 25.50 9.06 1.22
C GLU B 136 26.85 9.20 1.95
N PRO B 137 26.85 9.92 3.10
CA PRO B 137 28.11 10.14 3.82
C PRO B 137 28.53 8.90 4.62
N SER B 138 27.69 7.90 4.85
CA SER B 138 28.18 6.69 5.53
C SER B 138 28.95 5.83 4.49
N ALA B 139 30.27 5.76 4.64
CA ALA B 139 31.20 5.12 3.70
C ALA B 139 30.79 3.73 3.23
N GLY B 140 30.26 2.94 4.17
CA GLY B 140 30.01 1.54 3.94
C GLY B 140 28.79 1.28 3.08
N VAL B 141 27.62 1.75 3.53
CA VAL B 141 26.44 1.67 2.70
C VAL B 141 26.78 2.32 1.34
N ALA B 142 27.47 3.45 1.30
CA ALA B 142 27.81 4.02 -0.01
C ALA B 142 28.57 3.05 -0.97
N GLU B 143 29.49 2.24 -0.45
CA GLU B 143 30.19 1.28 -1.34
C GLU B 143 29.22 0.20 -1.81
N VAL B 144 28.33 -0.26 -0.93
CA VAL B 144 27.26 -1.13 -1.43
C VAL B 144 26.46 -0.54 -2.60
N ALA B 145 26.04 0.71 -2.48
CA ALA B 145 25.32 1.34 -3.58
C ALA B 145 26.14 1.39 -4.86
N ARG B 146 27.42 1.74 -4.72
CA ARG B 146 28.31 1.75 -5.88
C ARG B 146 28.37 0.36 -6.50
N SER B 147 28.39 -0.68 -5.68
CA SER B 147 28.49 -2.05 -6.10
C SER B 147 27.29 -2.45 -6.97
N ARG B 148 26.15 -1.82 -6.71
CA ARG B 148 24.96 -1.97 -7.53
C ARG B 148 24.82 -1.07 -8.75
N GLY B 149 25.88 -0.34 -9.07
CA GLY B 149 25.87 0.56 -10.20
C GLY B 149 25.42 1.97 -9.93
N VAL B 150 25.16 2.30 -8.66
CA VAL B 150 24.66 3.63 -8.31
C VAL B 150 25.81 4.59 -8.18
N ARG B 151 25.77 5.73 -8.86
CA ARG B 151 26.72 6.83 -8.73
C ARG B 151 26.45 7.48 -7.39
N VAL B 152 27.47 7.59 -6.53
CA VAL B 152 27.29 8.11 -5.18
C VAL B 152 28.43 9.09 -4.87
N ARG B 153 28.15 10.25 -4.25
CA ARG B 153 29.16 11.01 -3.52
C ARG B 153 29.06 10.70 -2.04
N THR B 154 30.20 10.48 -1.40
CA THR B 154 30.23 10.27 0.04
C THR B 154 30.31 11.65 0.72
N GLU B 155 29.24 12.43 0.57
CA GLU B 155 29.17 13.77 1.15
C GLU B 155 27.80 13.92 1.81
N PHE B 156 27.71 14.86 2.76
CA PHE B 156 26.40 15.40 3.16
C PHE B 156 25.86 16.34 2.07
N PHE B 157 24.58 16.18 1.77
CA PHE B 157 23.87 17.10 0.92
C PHE B 157 23.68 18.36 1.73
N GLU B 158 24.14 19.50 1.20
CA GLU B 158 24.06 20.83 1.78
C GLU B 158 24.24 21.79 0.64
N LYS B 159 24.05 23.09 0.93
CA LYS B 159 24.09 24.10 -0.12
C LYS B 159 25.31 23.91 -1.03
N ALA B 160 26.50 23.81 -0.43
CA ALA B 160 27.73 23.88 -1.25
C ALA B 160 27.90 22.66 -2.14
N THR B 161 27.73 21.48 -1.55
CA THR B 161 27.89 20.23 -2.26
C THR B 161 26.85 20.11 -3.37
N ALA B 162 25.62 20.48 -3.08
CA ALA B 162 24.59 20.52 -4.10
C ALA B 162 24.91 21.53 -5.19
N THR B 163 25.45 22.70 -4.86
CA THR B 163 25.75 23.70 -5.86
C THR B 163 26.78 23.21 -6.88
N ALA B 164 27.77 22.46 -6.39
CA ALA B 164 28.83 21.92 -7.24
C ALA B 164 28.33 20.79 -8.15
N VAL B 165 27.52 19.91 -7.60
CA VAL B 165 26.82 18.93 -8.44
C VAL B 165 26.06 19.64 -9.56
N ARG B 166 25.35 20.73 -9.27
CA ARG B 166 24.70 21.50 -10.33
C ARG B 166 25.73 21.85 -11.42
N GLU B 167 26.91 22.29 -10.99
CA GLU B 167 27.93 22.72 -11.93
C GLU B 167 28.63 21.63 -12.72
N SER B 168 28.86 20.43 -12.17
CA SER B 168 29.35 19.32 -12.99
C SER B 168 28.28 18.57 -13.73
N GLU B 169 27.12 18.37 -13.11
CA GLU B 169 26.09 17.47 -13.66
C GLU B 169 24.88 18.21 -14.23
N GLY B 170 24.77 19.52 -14.04
CA GLY B 170 23.63 20.27 -14.53
C GLY B 170 22.40 20.04 -13.66
N PRO B 171 21.23 20.57 -14.10
CA PRO B 171 20.03 20.64 -13.27
C PRO B 171 19.41 19.28 -12.97
N ALA B 172 18.72 19.17 -11.83
CA ALA B 172 18.11 17.91 -11.39
C ALA B 172 16.62 18.08 -11.54
N ASP B 173 15.98 17.00 -11.98
CA ASP B 173 14.54 17.00 -12.18
C ASP B 173 13.87 16.77 -10.82
N VAL B 174 14.47 15.89 -10.04
CA VAL B 174 14.00 15.61 -8.68
C VAL B 174 15.14 15.46 -7.69
N ILE B 175 14.97 15.98 -6.47
CA ILE B 175 15.82 15.63 -5.31
C ILE B 175 14.87 14.85 -4.39
N TYR B 176 15.21 13.59 -4.09
CA TYR B 176 14.40 12.66 -3.30
C TYR B 176 15.10 12.29 -1.98
N ALA B 177 14.32 12.12 -0.93
CA ALA B 177 14.80 11.68 0.39
C ALA B 177 13.77 10.93 1.17
N ALA B 178 14.18 9.76 1.66
CA ALA B 178 13.32 8.89 2.44
C ALA B 178 13.94 8.70 3.80
N ASN B 179 13.19 8.97 4.86
CA ASN B 179 13.69 8.78 6.23
C ASN B 179 15.00 9.50 6.47
N THR B 180 15.14 10.65 5.84
CA THR B 180 16.39 11.35 5.89
C THR B 180 16.14 12.81 6.17
N MET B 181 15.12 13.39 5.53
CA MET B 181 14.91 14.83 5.71
C MET B 181 14.61 15.11 7.18
N CYS B 182 13.85 14.24 7.83
CA CYS B 182 13.56 14.48 9.26
C CYS B 182 14.77 14.36 10.17
N HIS B 183 15.84 13.75 9.64
CA HIS B 183 17.10 13.48 10.34
C HIS B 183 18.04 14.71 10.28
N ILE B 184 17.75 15.74 9.48
CA ILE B 184 18.67 16.83 9.17
C ILE B 184 18.12 18.16 9.70
N PRO B 185 18.72 18.74 10.78
CA PRO B 185 18.30 20.01 11.38
C PRO B 185 18.36 21.17 10.44
N TYR B 186 19.38 21.15 9.58
CA TYR B 186 19.81 22.21 8.70
C TYR B 186 19.04 22.24 7.39
N LEU B 187 17.71 22.29 7.49
CA LEU B 187 16.89 22.32 6.31
C LEU B 187 17.15 23.52 5.41
N GLU B 188 17.51 24.67 5.97
CA GLU B 188 17.69 25.85 5.13
C GLU B 188 18.82 25.54 4.14
N SER B 189 19.88 24.91 4.64
CA SER B 189 21.00 24.53 3.78
C SER B 189 20.60 23.54 2.71
N VAL B 190 19.81 22.55 3.10
CA VAL B 190 19.29 21.57 2.16
C VAL B 190 18.50 22.27 1.03
N PHE B 191 17.62 23.24 1.36
CA PHE B 191 16.74 23.87 0.36
C PHE B 191 17.41 24.93 -0.51
N GLN B 192 18.42 25.58 0.04
CA GLN B 192 19.35 26.33 -0.79
C GLN B 192 20.02 25.45 -1.83
N GLY B 193 20.49 24.29 -1.37
CA GLY B 193 21.10 23.29 -2.23
C GLY B 193 20.13 22.98 -3.35
N ALA B 194 18.90 22.64 -2.96
CA ALA B 194 17.85 22.36 -3.95
C ALA B 194 17.55 23.56 -4.86
N ASP B 195 17.59 24.79 -4.39
CA ASP B 195 17.43 25.89 -5.32
C ASP B 195 18.58 25.97 -6.35
N ALA B 196 19.83 25.80 -5.91
CA ALA B 196 20.95 25.79 -6.86
C ALA B 196 20.73 24.71 -7.91
N LEU B 197 20.28 23.56 -7.47
CA LEU B 197 20.43 22.35 -8.25
C LEU B 197 19.22 21.94 -9.07
N LEU B 198 18.00 22.33 -8.67
CA LEU B 198 16.79 21.84 -9.35
C LEU B 198 16.61 22.47 -10.75
N GLY B 199 16.10 21.66 -11.69
CA GLY B 199 15.48 22.12 -12.94
C GLY B 199 14.42 23.20 -12.79
N PRO B 200 13.82 23.64 -13.91
CA PRO B 200 12.87 24.75 -13.78
C PRO B 200 11.59 24.26 -13.09
N ASP B 201 11.11 23.14 -13.61
CA ASP B 201 9.97 22.46 -13.03
C ASP B 201 10.41 21.33 -12.09
N GLY B 202 11.57 21.46 -11.46
CA GLY B 202 12.06 20.37 -10.61
C GLY B 202 11.40 20.42 -9.22
N VAL B 203 11.41 19.30 -8.54
CA VAL B 203 10.80 19.16 -7.22
C VAL B 203 11.68 18.38 -6.24
N VAL B 204 11.47 18.71 -4.97
CA VAL B 204 11.98 17.96 -3.84
C VAL B 204 10.86 17.11 -3.30
N VAL B 205 11.14 15.82 -3.26
CA VAL B 205 10.18 14.83 -2.83
C VAL B 205 10.74 14.14 -1.61
N PHE B 206 10.02 14.13 -0.49
CA PHE B 206 10.55 13.52 0.75
C PHE B 206 9.46 12.87 1.58
N GLU B 207 9.80 11.70 2.14
CA GLU B 207 8.92 10.93 2.95
C GLU B 207 9.50 10.62 4.34
N ASP B 208 8.70 10.80 5.37
CA ASP B 208 9.17 10.71 6.73
C ASP B 208 8.02 10.39 7.65
N PRO B 209 8.32 9.82 8.83
CA PRO B 209 7.34 9.58 9.85
C PRO B 209 6.43 10.79 10.12
N TYR B 210 5.12 10.58 10.06
CA TYR B 210 4.14 11.67 10.03
C TYR B 210 3.63 11.96 11.45
N LEU B 211 3.64 13.24 11.79
CA LEU B 211 3.22 13.71 13.11
C LEU B 211 1.79 13.27 13.39
N GLY B 212 0.94 13.34 12.37
CA GLY B 212 -0.48 12.99 12.58
C GLY B 212 -0.66 11.54 13.01
N ASP B 213 0.12 10.63 12.43
CA ASP B 213 0.12 9.24 12.86
C ASP B 213 0.71 9.02 14.24
N ILE B 214 1.81 9.71 14.54
CA ILE B 214 2.37 9.56 15.87
C ILE B 214 1.34 9.91 16.95
N VAL B 215 0.62 10.99 16.73
CA VAL B 215 -0.30 11.54 17.72
C VAL B 215 -1.50 10.57 17.80
N ALA B 216 -1.95 10.10 16.65
CA ALA B 216 -3.11 9.23 16.54
C ALA B 216 -2.80 7.90 17.18
N LYS B 217 -1.59 7.35 17.05
CA LYS B 217 -1.19 6.02 17.55
C LYS B 217 -0.43 6.01 18.89
N THR B 218 -0.20 7.21 19.42
CA THR B 218 0.68 7.37 20.60
C THR B 218 1.97 6.61 20.38
N SER B 219 2.48 6.70 19.15
CA SER B 219 3.65 5.95 18.75
C SER B 219 4.86 6.80 19.16
N PHE B 220 5.05 7.00 20.46
CA PHE B 220 6.16 7.85 20.93
C PHE B 220 7.52 7.24 20.70
N ASP B 221 7.62 5.94 20.47
CA ASP B 221 8.89 5.34 20.13
C ASP B 221 9.45 5.77 18.79
N GLN B 222 8.62 6.46 18.02
CA GLN B 222 9.09 7.18 16.84
C GLN B 222 9.95 8.41 17.15
N ILE B 223 9.98 8.80 18.42
CA ILE B 223 10.77 9.95 18.85
C ILE B 223 12.06 9.41 19.47
N TYR B 224 13.17 9.70 18.82
CA TYR B 224 14.51 9.31 19.22
C TYR B 224 15.52 10.14 18.45
N ASP B 225 16.81 9.95 18.75
CA ASP B 225 17.87 10.86 18.28
C ASP B 225 17.85 11.24 16.80
N GLU B 226 17.57 10.28 15.94
CA GLU B 226 17.66 10.47 14.50
C GLU B 226 16.44 11.22 13.98
N HIS B 227 15.35 11.21 14.74
CA HIS B 227 14.18 11.91 14.29
C HIS B 227 14.07 13.33 14.82
N PHE B 228 14.82 14.24 14.20
CA PHE B 228 14.87 15.58 14.74
C PHE B 228 13.56 16.37 14.55
N TYR B 229 12.93 16.19 13.39
CA TYR B 229 11.65 16.76 13.00
C TYR B 229 10.56 15.73 12.93
N LEU B 230 9.37 16.18 13.36
CA LEU B 230 8.17 15.36 13.16
C LEU B 230 7.25 16.17 12.28
N PHE B 231 7.41 15.98 10.97
CA PHE B 231 6.76 16.79 9.95
C PHE B 231 5.22 16.55 9.96
N SER B 232 4.54 17.65 9.66
CA SER B 232 3.16 17.63 9.19
C SER B 232 3.01 18.40 7.89
N ALA B 233 1.86 18.25 7.22
CA ALA B 233 1.56 19.10 6.07
C ALA B 233 1.69 20.55 6.42
N GLY B 234 1.16 20.95 7.57
CA GLY B 234 1.20 22.36 7.92
C GLY B 234 2.59 22.95 8.15
N SER B 235 3.40 22.23 8.88
CA SER B 235 4.78 22.67 9.13
C SER B 235 5.63 22.59 7.86
N VAL B 236 5.40 21.58 7.01
CA VAL B 236 6.12 21.46 5.74
C VAL B 236 5.73 22.62 4.84
N ALA B 237 4.45 23.01 4.80
CA ALA B 237 4.03 24.10 3.90
C ALA B 237 4.68 25.39 4.34
N ALA B 238 4.82 25.58 5.65
CA ALA B 238 5.39 26.79 6.16
C ALA B 238 6.88 26.78 5.97
N MET B 239 7.54 25.63 6.13
CA MET B 239 8.99 25.61 5.93
C MET B 239 9.27 25.86 4.46
N ALA B 240 8.48 25.25 3.56
CA ALA B 240 8.65 25.41 2.12
C ALA B 240 8.62 26.91 1.70
N GLU B 241 7.60 27.59 2.19
CA GLU B 241 7.33 28.96 1.80
C GLU B 241 8.44 29.84 2.34
N ARG B 242 8.92 29.53 3.54
CA ARG B 242 10.07 30.20 4.11
C ARG B 242 11.27 30.15 3.17
N PHE B 243 11.48 29.01 2.53
CA PHE B 243 12.64 28.83 1.69
C PHE B 243 12.37 29.04 0.21
N GLY B 244 11.18 29.57 -0.08
CA GLY B 244 10.84 29.95 -1.42
C GLY B 244 10.36 28.77 -2.22
N PHE B 245 9.94 27.70 -1.56
CA PHE B 245 9.29 26.58 -2.22
C PHE B 245 7.81 26.55 -1.84
N GLU B 246 7.09 25.51 -2.23
CA GLU B 246 5.64 25.44 -1.98
C GLU B 246 5.22 23.97 -1.94
N LEU B 247 4.45 23.60 -0.93
CA LEU B 247 3.93 22.24 -0.89
C LEU B 247 2.85 22.05 -1.95
N VAL B 248 3.17 21.23 -2.93
CA VAL B 248 2.28 20.98 -4.04
C VAL B 248 1.66 19.61 -4.12
N ASP B 249 2.10 18.63 -3.32
CA ASP B 249 1.50 17.32 -3.25
C ASP B 249 1.85 16.67 -1.91
N VAL B 250 0.94 15.78 -1.52
CA VAL B 250 1.09 14.95 -0.35
C VAL B 250 0.55 13.57 -0.63
N GLU B 251 1.11 12.56 0.02
CA GLU B 251 0.55 11.23 -0.01
C GLU B 251 0.88 10.51 1.25
N ARG B 252 -0.16 9.90 1.80
CA ARG B 252 0.03 9.01 2.93
C ARG B 252 0.63 7.65 2.56
N LEU B 253 1.55 7.15 3.37
CA LEU B 253 2.19 5.83 3.19
C LEU B 253 2.18 5.02 4.47
N PRO B 254 1.93 3.70 4.41
CA PRO B 254 1.77 2.92 5.62
C PRO B 254 3.13 2.52 6.24
N VAL B 255 4.23 2.69 5.52
CA VAL B 255 5.53 2.22 5.97
C VAL B 255 6.04 2.88 7.26
N HIS B 256 6.88 2.17 8.01
CA HIS B 256 7.44 2.68 9.24
C HIS B 256 6.43 3.31 10.20
N GLY B 257 5.24 2.74 10.30
CA GLY B 257 4.29 3.22 11.28
C GLY B 257 3.41 4.34 10.80
N GLY B 258 3.57 4.82 9.57
CA GLY B 258 2.77 5.90 9.02
C GLY B 258 3.65 7.05 8.61
N GLU B 259 3.64 7.34 7.31
CA GLU B 259 4.38 8.46 6.82
C GLU B 259 3.53 9.26 5.87
N VAL B 260 4.04 10.43 5.53
CA VAL B 260 3.62 11.23 4.42
C VAL B 260 4.83 11.55 3.56
N ARG B 261 4.56 11.50 2.27
CA ARG B 261 5.45 11.98 1.21
C ARG B 261 5.01 13.34 0.70
N TYR B 262 5.86 14.32 0.88
CA TYR B 262 5.67 15.71 0.56
C TYR B 262 6.35 15.98 -0.76
N THR B 263 5.68 16.69 -1.66
CA THR B 263 6.29 17.22 -2.89
C THR B 263 6.37 18.73 -2.87
N LEU B 264 7.60 19.25 -2.91
CA LEU B 264 7.86 20.67 -2.97
C LEU B 264 8.38 21.14 -4.32
N ALA B 265 7.73 22.14 -4.92
CA ALA B 265 8.26 22.91 -6.02
C ALA B 265 8.56 24.35 -5.61
N ARG B 266 9.34 25.06 -6.42
CA ARG B 266 9.57 26.49 -6.21
C ARG B 266 8.23 27.21 -6.28
N ARG B 267 8.07 28.23 -5.45
CA ARG B 267 6.80 28.94 -5.28
C ARG B 267 6.22 29.31 -6.65
N GLY B 268 4.91 29.07 -6.86
CA GLY B 268 4.27 29.34 -8.14
C GLY B 268 4.60 28.44 -9.32
N ALA B 269 5.54 27.52 -9.19
CA ALA B 269 5.91 26.66 -10.31
C ALA B 269 4.83 25.64 -10.61
N ARG B 270 4.13 25.20 -9.57
CA ARG B 270 3.08 24.23 -9.75
C ARG B 270 1.87 24.67 -8.97
N THR B 271 0.76 24.06 -9.36
CA THR B 271 -0.52 24.17 -8.67
C THR B 271 -0.64 23.01 -7.69
N PRO B 272 -0.87 23.30 -6.42
CA PRO B 272 -1.05 22.25 -5.45
C PRO B 272 -2.19 21.31 -5.83
N THR B 273 -1.96 20.02 -5.67
CA THR B 273 -3.01 19.02 -5.87
C THR B 273 -4.09 19.10 -4.80
N GLU B 274 -5.26 18.52 -5.05
CA GLU B 274 -6.37 18.55 -4.08
C GLU B 274 -6.00 17.82 -2.79
N ALA B 275 -5.05 16.89 -2.90
CA ALA B 275 -4.64 16.15 -1.73
C ALA B 275 -4.04 17.03 -0.61
N VAL B 276 -3.28 18.05 -0.97
CA VAL B 276 -2.65 18.99 -0.03
C VAL B 276 -3.77 19.59 0.84
N GLY B 277 -4.81 20.11 0.18
CA GLY B 277 -5.90 20.67 0.99
C GLY B 277 -6.63 19.69 1.89
N ARG B 278 -6.87 18.49 1.37
CA ARG B 278 -7.57 17.43 2.12
C ARG B 278 -6.75 17.09 3.37
N LEU B 279 -5.42 17.00 3.24
CA LEU B 279 -4.58 16.54 4.36
C LEU B 279 -4.50 17.69 5.37
N LEU B 280 -4.42 18.91 4.88
CA LEU B 280 -4.52 20.08 5.76
C LEU B 280 -5.87 20.06 6.52
N ALA B 281 -6.96 19.67 5.85
CA ALA B 281 -8.25 19.55 6.53
C ALA B 281 -8.22 18.50 7.64
N GLU B 282 -7.61 17.35 7.34
CA GLU B 282 -7.55 16.29 8.33
C GLU B 282 -6.74 16.80 9.50
N GLU B 283 -5.67 17.55 9.25
CA GLU B 283 -4.95 18.17 10.36
C GLU B 283 -5.87 19.19 11.11
N ARG B 284 -6.65 19.99 10.41
CA ARG B 284 -7.66 20.85 11.11
C ARG B 284 -8.52 19.91 11.96
N GLU B 285 -9.08 18.83 11.39
CA GLU B 285 -10.03 17.98 12.12
C GLU B 285 -9.35 17.36 13.33
N GLN B 286 -8.06 17.03 13.24
CA GLN B 286 -7.35 16.37 14.30
C GLN B 286 -6.95 17.40 15.36
N GLY B 287 -6.94 18.66 14.96
CA GLY B 287 -6.49 19.72 15.86
C GLY B 287 -4.99 19.70 16.00
N LEU B 288 -4.28 19.21 14.97
CA LEU B 288 -2.83 18.97 15.10
C LEU B 288 -2.00 20.24 15.34
N ASP B 289 -2.56 21.40 15.01
CA ASP B 289 -1.88 22.67 15.13
C ASP B 289 -2.15 23.34 16.48
N ASP B 290 -2.82 22.60 17.37
CA ASP B 290 -3.14 23.05 18.74
C ASP B 290 -2.24 22.33 19.74
N LEU B 291 -1.40 23.11 20.45
CA LEU B 291 -0.54 22.55 21.50
C LEU B 291 -1.29 21.68 22.52
N ALA B 292 -2.59 21.99 22.74
CA ALA B 292 -3.43 21.18 23.61
C ALA B 292 -3.54 19.72 23.19
N THR B 293 -3.69 19.52 21.87
CA THR B 293 -3.76 18.18 21.27
C THR B 293 -2.41 17.49 21.51
N LEU B 294 -1.31 18.23 21.38
CA LEU B 294 -0.01 17.62 21.63
C LEU B 294 0.18 17.28 23.10
N ARG B 295 -0.28 18.16 23.98
CA ARG B 295 -0.33 17.78 25.41
C ARG B 295 -1.12 16.51 25.74
N THR B 296 -2.27 16.39 25.08
CA THR B 296 -3.04 15.20 25.20
C THR B 296 -2.23 13.98 24.79
N PHE B 297 -1.58 14.08 23.62
CA PHE B 297 -0.66 13.02 23.23
C PHE B 297 0.39 12.69 24.31
N ALA B 298 1.00 13.73 24.84
CA ALA B 298 1.97 13.55 25.93
C ALA B 298 1.37 12.87 27.17
N ALA B 299 0.16 13.29 27.52
CA ALA B 299 -0.61 12.55 28.52
C ALA B 299 -0.80 11.07 28.19
N ASN B 300 -1.18 10.79 26.95
CA ASN B 300 -1.33 9.37 26.56
C ASN B 300 -0.04 8.58 26.60
N VAL B 301 1.08 9.22 26.29
CA VAL B 301 2.39 8.57 26.40
C VAL B 301 2.70 8.15 27.85
N HIS B 302 2.36 9.05 28.77
CA HIS B 302 2.52 8.73 30.19
C HIS B 302 1.65 7.57 30.62
N THR B 303 0.40 7.59 30.14
CA THR B 303 -0.51 6.47 30.32
C THR B 303 0.09 5.16 29.78
N VAL B 304 0.59 5.18 28.52
CA VAL B 304 1.17 3.98 27.95
C VAL B 304 2.29 3.46 28.82
N ARG B 305 3.12 4.38 29.32
CA ARG B 305 4.22 3.92 30.17
C ARG B 305 3.65 3.24 31.44
N ASP B 306 2.68 3.86 32.07
CA ASP B 306 2.16 3.30 33.34
C ASP B 306 1.69 1.87 33.12
N GLU B 307 0.82 1.71 32.11
CA GLU B 307 0.20 0.41 31.84
C GLU B 307 1.20 -0.62 31.38
N LEU B 308 2.18 -0.20 30.59
CA LEU B 308 3.15 -1.17 30.13
C LEU B 308 4.00 -1.67 31.27
N VAL B 309 4.39 -0.71 32.12
CA VAL B 309 5.28 -1.01 33.23
C VAL B 309 4.54 -1.90 34.22
N ALA B 310 3.31 -1.49 34.53
CA ALA B 310 2.43 -2.20 35.45
C ALA B 310 2.15 -3.60 34.94
N LEU B 311 1.83 -3.73 33.66
CA LEU B 311 1.75 -5.06 33.04
C LEU B 311 3.03 -5.87 33.14
N LEU B 312 4.16 -5.37 32.66
CA LEU B 312 5.38 -6.19 32.72
C LEU B 312 5.72 -6.66 34.13
N THR B 313 5.31 -5.83 35.10
CA THR B 313 5.60 -6.07 36.52
C THR B 313 4.74 -7.17 37.12
N ARG B 314 3.41 -7.02 37.02
CA ARG B 314 2.46 -8.14 37.15
C ARG B 314 2.96 -9.45 36.55
N LEU B 315 3.34 -9.43 35.28
CA LEU B 315 3.75 -10.66 34.62
C LEU B 315 4.96 -11.31 35.25
N ARG B 316 5.94 -10.51 35.63
CA ARG B 316 7.18 -11.12 36.09
C ARG B 316 7.01 -11.55 37.56
N ALA B 317 6.11 -10.91 38.30
CA ALA B 317 5.69 -11.38 39.63
C ALA B 317 4.90 -12.67 39.55
N GLU B 318 3.91 -12.71 38.66
CA GLU B 318 3.24 -13.94 38.31
C GLU B 318 4.18 -15.05 37.89
N GLY B 319 5.46 -14.77 37.72
CA GLY B 319 6.45 -15.78 37.39
C GLY B 319 6.75 -16.03 35.92
N HIS B 320 6.20 -15.22 35.01
CA HIS B 320 6.29 -15.47 33.57
C HIS B 320 7.57 -14.98 32.92
N ARG B 321 7.96 -15.62 31.84
CA ARG B 321 9.14 -15.23 31.08
C ARG B 321 8.87 -14.30 29.87
N VAL B 322 9.52 -13.12 29.82
CA VAL B 322 9.32 -12.15 28.73
C VAL B 322 10.51 -11.85 27.82
N VAL B 323 10.31 -11.86 26.50
CA VAL B 323 11.42 -11.63 25.59
C VAL B 323 10.99 -10.51 24.61
N GLY B 324 11.94 -9.69 24.17
CA GLY B 324 11.64 -8.59 23.25
C GLY B 324 11.82 -9.07 21.83
N TYR B 325 11.06 -8.49 20.91
CA TYR B 325 11.21 -8.98 19.54
C TYR B 325 11.48 -7.81 18.61
N GLY B 326 12.70 -7.78 18.11
CA GLY B 326 13.17 -6.71 17.23
C GLY B 326 13.93 -5.70 18.05
N ALA B 327 15.23 -5.60 17.83
CA ALA B 327 16.07 -4.57 18.45
C ALA B 327 16.00 -3.29 17.60
N THR B 328 14.83 -2.66 17.59
CA THR B 328 14.64 -1.50 16.76
C THR B 328 15.40 -0.32 17.36
N ALA B 329 15.76 0.66 16.51
CA ALA B 329 16.18 1.98 17.02
C ALA B 329 15.13 2.55 17.94
N LYS B 330 13.83 2.44 17.56
CA LYS B 330 12.75 2.99 18.35
C LYS B 330 12.71 2.46 19.82
N SER B 331 13.03 1.19 19.97
CA SER B 331 12.93 0.51 21.25
C SER B 331 13.75 1.23 22.37
N ALA B 332 14.82 1.90 22.00
CA ALA B 332 15.59 2.60 23.02
C ALA B 332 14.79 3.64 23.77
N THR B 333 13.93 4.35 23.06
CA THR B 333 13.12 5.34 23.73
C THR B 333 12.21 4.64 24.71
N VAL B 334 11.65 3.52 24.28
CA VAL B 334 10.69 2.84 25.13
C VAL B 334 11.35 2.31 26.39
N THR B 335 12.45 1.60 26.22
CA THR B 335 13.10 0.99 27.35
C THR B 335 13.54 2.07 28.38
N ASN B 336 14.11 3.16 27.90
CA ASN B 336 14.73 4.13 28.79
C ASN B 336 13.69 5.05 29.41
N PHE B 337 12.71 5.51 28.64
CA PHE B 337 11.59 6.25 29.22
C PHE B 337 10.78 5.43 30.23
N CYS B 338 10.62 4.14 29.96
CA CYS B 338 9.71 3.31 30.73
C CYS B 338 10.48 2.68 31.90
N GLY B 339 11.81 2.66 31.78
CA GLY B 339 12.67 2.04 32.77
C GLY B 339 12.67 0.53 32.71
N ILE B 340 12.82 0.01 31.50
CA ILE B 340 12.66 -1.40 31.25
C ILE B 340 14.00 -2.05 31.07
N GLY B 341 14.45 -2.75 32.12
CA GLY B 341 15.74 -3.44 32.07
C GLY B 341 15.61 -4.96 32.09
N PRO B 342 16.76 -5.67 32.07
CA PRO B 342 16.78 -7.14 31.97
C PRO B 342 15.98 -7.91 33.05
N ASP B 343 15.75 -7.31 34.21
CA ASP B 343 14.82 -7.86 35.20
C ASP B 343 13.37 -7.90 34.71
N LEU B 344 12.98 -7.04 33.77
CA LEU B 344 11.61 -7.07 33.25
C LEU B 344 11.42 -7.80 31.91
N VAL B 345 12.50 -7.91 31.14
CA VAL B 345 12.52 -8.38 29.77
C VAL B 345 13.90 -8.92 29.45
N SER B 346 14.04 -10.20 29.13
CA SER B 346 15.27 -10.94 29.34
C SER B 346 16.27 -10.75 28.24
N PHE B 347 15.82 -10.72 26.99
CA PHE B 347 16.72 -10.37 25.89
C PHE B 347 15.92 -9.96 24.66
N VAL B 348 16.59 -9.75 23.55
CA VAL B 348 15.89 -9.29 22.38
C VAL B 348 16.43 -9.99 21.15
N CYS B 349 15.52 -10.65 20.42
CA CYS B 349 15.90 -11.29 19.15
CA CYS B 349 15.81 -11.31 19.13
C CYS B 349 15.90 -10.35 17.97
N ASP B 350 16.86 -10.56 17.09
CA ASP B 350 17.07 -9.69 15.95
C ASP B 350 17.82 -10.42 14.85
N THR B 351 17.50 -10.08 13.61
CA THR B 351 18.07 -10.70 12.43
C THR B 351 19.21 -9.90 11.81
N THR B 352 19.55 -8.77 12.42
CA THR B 352 20.65 -7.94 11.97
C THR B 352 21.92 -8.54 12.62
N PRO B 353 22.81 -9.13 11.78
CA PRO B 353 24.06 -9.65 12.34
C PRO B 353 24.82 -8.52 13.06
N GLY B 354 24.96 -7.40 12.34
CA GLY B 354 25.33 -6.10 12.90
C GLY B 354 25.00 -5.83 14.36
N LYS B 355 23.76 -6.10 14.77
CA LYS B 355 23.32 -5.87 16.16
C LYS B 355 23.51 -7.05 17.09
N GLN B 356 23.68 -8.25 16.55
CA GLN B 356 23.66 -9.43 17.42
C GLN B 356 24.87 -9.49 18.34
N HIS B 357 24.69 -10.13 19.49
CA HIS B 357 25.73 -10.31 20.48
C HIS B 357 26.41 -8.98 20.77
N ARG B 358 25.55 -7.98 20.99
CA ARG B 358 25.90 -6.70 21.59
C ARG B 358 24.77 -6.47 22.57
N LEU B 359 24.73 -5.33 23.26
CA LEU B 359 23.65 -5.01 24.21
C LEU B 359 22.86 -3.77 23.76
N THR B 360 21.63 -3.65 24.25
CA THR B 360 20.79 -2.55 23.80
C THR B 360 21.15 -1.25 24.51
N PRO B 361 20.99 -0.11 23.81
CA PRO B 361 21.33 1.15 24.42
C PRO B 361 20.59 1.54 25.69
N GLY B 362 21.41 1.93 26.67
CA GLY B 362 20.92 2.55 27.90
C GLY B 362 20.44 1.58 28.96
N LYS B 363 19.46 0.75 28.59
CA LYS B 363 18.95 -0.22 29.52
C LYS B 363 19.62 -1.59 29.42
N HIS B 364 20.36 -1.87 28.35
CA HIS B 364 21.30 -3.00 28.25
C HIS B 364 20.80 -4.45 28.10
N LEU B 365 19.57 -4.60 27.60
CA LEU B 365 19.04 -5.93 27.22
C LEU B 365 19.94 -6.53 26.17
N PRO B 366 20.28 -7.83 26.28
CA PRO B 366 21.12 -8.43 25.23
C PRO B 366 20.40 -8.87 23.94
N VAL B 367 21.10 -8.72 22.83
CA VAL B 367 20.59 -8.95 21.47
C VAL B 367 21.18 -10.25 20.94
N ARG B 368 20.30 -11.23 20.79
CA ARG B 368 20.64 -12.55 20.28
C ARG B 368 19.81 -12.91 19.06
N PRO B 369 20.34 -13.80 18.20
CA PRO B 369 19.74 -14.03 16.90
C PRO B 369 18.33 -14.65 16.96
N ALA B 370 17.66 -14.65 15.82
CA ALA B 370 16.24 -15.04 15.77
C ALA B 370 16.04 -16.41 16.44
N GLU B 371 16.91 -17.37 16.11
CA GLU B 371 16.84 -18.75 16.63
C GLU B 371 16.68 -18.85 18.16
N ALA B 372 17.20 -17.87 18.89
CA ALA B 372 17.12 -17.91 20.32
C ALA B 372 15.70 -17.80 20.87
N PHE B 373 14.79 -17.25 20.05
CA PHE B 373 13.39 -17.11 20.43
C PHE B 373 12.76 -18.46 20.79
N ALA B 374 13.16 -19.49 20.05
CA ALA B 374 12.61 -20.85 20.08
C ALA B 374 13.37 -21.78 21.01
N ASP B 375 14.04 -21.23 22.02
CA ASP B 375 15.07 -22.00 22.72
C ASP B 375 15.08 -21.87 24.24
N PRO B 376 13.99 -22.17 24.94
CA PRO B 376 12.67 -22.47 24.39
C PRO B 376 11.86 -21.20 24.19
N TYR B 377 10.71 -21.29 23.53
CA TYR B 377 9.79 -20.14 23.44
C TYR B 377 9.43 -19.57 24.81
N PRO B 378 9.37 -18.23 24.94
CA PRO B 378 8.84 -17.58 26.15
C PRO B 378 7.35 -17.68 26.27
N ASP B 379 6.84 -17.26 27.42
CA ASP B 379 5.42 -16.97 27.61
C ASP B 379 4.93 -15.76 26.80
N TYR B 380 5.68 -14.67 26.88
CA TYR B 380 5.25 -13.40 26.30
C TYR B 380 6.37 -12.79 25.48
N ALA B 381 5.98 -12.21 24.35
CA ALA B 381 6.92 -11.62 23.42
C ALA B 381 6.50 -10.15 23.29
N LEU B 382 7.41 -9.24 23.59
CA LEU B 382 7.06 -7.81 23.64
C LEU B 382 7.46 -7.33 22.26
N LEU B 383 6.48 -6.89 21.49
CA LEU B 383 6.81 -6.65 20.09
C LEU B 383 7.32 -5.23 19.90
N PHE B 384 8.64 -5.08 19.86
CA PHE B 384 9.17 -3.77 19.52
C PHE B 384 9.08 -3.40 18.04
N ALA B 385 9.14 -4.41 17.19
CA ALA B 385 9.11 -4.23 15.74
C ALA B 385 7.64 -4.32 15.29
N TRP B 386 6.84 -3.49 15.92
CA TRP B 386 5.37 -3.49 15.83
C TRP B 386 4.91 -3.11 14.44
N ASN B 387 5.74 -2.38 13.69
CA ASN B 387 5.50 -2.00 12.29
C ASN B 387 5.58 -3.20 11.35
N HIS B 388 6.02 -4.39 11.84
CA HIS B 388 6.22 -5.60 11.08
C HIS B 388 5.44 -6.74 11.70
N ALA B 389 4.33 -6.40 12.34
CA ALA B 389 3.60 -7.31 13.15
C ALA B 389 3.15 -8.53 12.35
N ASP B 390 2.60 -8.33 11.15
CA ASP B 390 2.02 -9.45 10.39
C ASP B 390 3.07 -10.50 10.00
N GLU B 391 4.17 -9.95 9.54
CA GLU B 391 5.31 -10.68 9.07
C GLU B 391 5.82 -11.48 10.24
N ILE B 392 6.07 -10.81 11.35
CA ILE B 392 6.62 -11.52 12.50
C ILE B 392 5.66 -12.54 13.06
N MET B 393 4.42 -12.13 13.29
CA MET B 393 3.48 -13.04 13.89
C MET B 393 3.12 -14.23 12.99
N ALA B 394 3.13 -14.02 11.67
CA ALA B 394 2.86 -15.08 10.68
C ALA B 394 3.98 -16.12 10.63
N LYS B 395 5.22 -15.65 10.79
CA LYS B 395 6.41 -16.51 10.89
C LYS B 395 6.33 -17.40 12.13
N GLU B 396 5.88 -16.86 13.26
CA GLU B 396 6.03 -17.52 14.56
C GLU B 396 4.84 -18.38 14.90
N GLN B 397 4.56 -19.35 14.03
CA GLN B 397 3.42 -20.24 14.19
C GLN B 397 3.55 -21.15 15.44
N GLU B 398 4.71 -21.80 15.57
CA GLU B 398 4.97 -22.68 16.73
C GLU B 398 4.83 -21.94 18.06
N PHE B 399 5.29 -20.68 18.12
CA PHE B 399 5.15 -19.88 19.33
C PHE B 399 3.69 -19.75 19.67
N ARG B 400 2.86 -19.35 18.72
CA ARG B 400 1.44 -19.23 18.98
C ARG B 400 0.99 -20.65 19.38
N GLN B 401 1.33 -21.66 18.60
CA GLN B 401 0.79 -23.00 18.89
C GLN B 401 1.15 -23.47 20.30
N ALA B 402 2.34 -23.08 20.76
CA ALA B 402 2.80 -23.36 22.12
C ALA B 402 2.13 -22.54 23.23
N GLY B 403 1.14 -21.71 22.90
CA GLY B 403 0.50 -20.82 23.87
C GLY B 403 1.13 -19.43 24.02
N GLY B 404 2.19 -19.11 23.26
CA GLY B 404 2.80 -17.77 23.33
C GLY B 404 1.79 -16.63 23.23
N ARG B 405 2.17 -15.47 23.73
CA ARG B 405 1.31 -14.30 23.57
C ARG B 405 2.23 -13.14 23.25
N TRP B 406 1.62 -12.10 22.68
CA TRP B 406 2.34 -10.95 22.17
C TRP B 406 1.91 -9.78 23.01
N ILE B 407 2.87 -8.96 23.43
CA ILE B 407 2.53 -7.69 24.04
C ILE B 407 2.83 -6.60 23.01
N LEU B 408 1.83 -5.78 22.75
CA LEU B 408 1.98 -4.58 21.93
C LEU B 408 1.64 -3.38 22.80
N TYR B 409 2.24 -2.24 22.44
CA TYR B 409 2.01 -0.99 23.15
C TYR B 409 1.63 0.17 22.19
N VAL B 410 1.45 -0.14 20.90
CA VAL B 410 0.94 0.81 19.92
C VAL B 410 -0.30 0.11 19.39
N PRO B 411 -1.44 0.80 19.35
CA PRO B 411 -1.66 2.18 19.76
C PRO B 411 -1.96 2.29 21.25
N GLU B 412 -1.98 1.14 21.92
CA GLU B 412 -2.24 1.08 23.35
CA GLU B 412 -2.29 1.04 23.34
C GLU B 412 -1.69 -0.24 23.85
N VAL B 413 -1.55 -0.36 25.16
CA VAL B 413 -0.92 -1.53 25.71
C VAL B 413 -2.00 -2.60 25.67
N ARG B 414 -1.62 -3.80 25.23
CA ARG B 414 -2.56 -4.91 25.14
C ARG B 414 -1.79 -6.16 24.81
N VAL B 415 -2.45 -7.28 25.08
CA VAL B 415 -1.91 -8.63 24.88
C VAL B 415 -2.82 -9.30 23.84
N LEU B 416 -2.26 -9.81 22.74
CA LEU B 416 -3.07 -10.54 21.77
C LEU B 416 -2.74 -11.99 22.04
ZN ZN C . -31.56 -5.19 -2.49
N SAH D . -7.99 -14.02 -6.31
CA SAH D . -7.32 -13.77 -7.63
CB SAH D . -8.17 -14.20 -8.83
CG SAH D . -9.28 -13.31 -9.30
SD SAH D . -10.01 -14.02 -10.80
C SAH D . -6.91 -12.30 -7.73
O SAH D . -7.36 -11.52 -6.91
OXT SAH D . -6.15 -11.97 -8.62
C5' SAH D . -11.60 -14.47 -10.19
C4' SAH D . -11.55 -16.01 -9.93
O4' SAH D . -12.77 -16.46 -9.31
C3' SAH D . -11.36 -16.86 -11.21
O3' SAH D . -10.14 -17.60 -11.36
C2' SAH D . -12.60 -17.72 -11.30
O2' SAH D . -12.58 -19.00 -11.90
C1' SAH D . -12.96 -17.79 -9.79
N9 SAH D . -14.36 -18.05 -9.44
C8 SAH D . -15.50 -17.59 -10.02
N7 SAH D . -16.55 -18.01 -9.30
C5 SAH D . -16.14 -18.76 -8.30
C6 SAH D . -16.76 -19.52 -7.19
N6 SAH D . -18.12 -19.58 -7.06
N1 SAH D . -15.88 -20.12 -6.43
C2 SAH D . -14.53 -20.08 -6.50
N3 SAH D . -13.94 -19.45 -7.50
C4 SAH D . -14.67 -18.78 -8.37
P JHZ E . -5.22 -6.36 -14.71
C1 JHZ E . -8.87 -9.16 -14.28
O1 JHZ E . -9.01 -7.74 -14.53
C2 JHZ E . -10.13 -9.93 -14.34
P2 JHZ E . -8.00 -7.02 -15.59
C3 JHZ E . -10.77 -10.00 -12.95
N3 JHZ E . -12.21 -10.15 -13.17
C4 JHZ E . -10.46 -8.84 -12.07
O4 JHZ E . -11.39 -8.46 -11.37
C5 JHZ E . -9.01 -8.32 -12.00
O5 JHZ E . -8.32 -9.15 -12.95
C6 JHZ E . -8.51 -8.87 -10.66
C1X JHZ E . -1.10 -6.93 -18.81
N11 JHZ E . 0.16 -6.27 -18.40
O1P JHZ E . -4.42 -7.08 -13.66
C2X JHZ E . -1.32 -8.22 -18.01
C21 JHZ E . 1.12 -6.08 -19.32
O21 JHZ E . 1.00 -6.37 -20.58
O2P JHZ E . -5.35 -4.88 -14.65
C3X JHZ E . -2.80 -8.32 -17.97
O3X JHZ E . -3.24 -9.07 -19.14
N31 JHZ E . 2.31 -5.48 -19.07
C3M JHZ E . -10.47 -11.28 -12.23
O3P JHZ E . -8.46 -5.63 -15.84
C4X JHZ E . -3.24 -6.85 -18.02
O4X JHZ E . -2.13 -6.06 -18.47
C41 JHZ E . 2.49 -5.16 -17.78
O41 JHZ E . 3.68 -4.58 -17.49
O4P JHZ E . -7.81 -7.94 -16.70
C5X JHZ E . -3.44 -6.27 -16.64
O5X JHZ E . -4.64 -6.81 -16.16
C51 JHZ E . 1.55 -5.34 -16.77
C5A JHZ E . 1.79 -4.88 -15.35
C61 JHZ E . 0.37 -5.93 -17.14
OPP JHZ E . -6.67 -7.03 -14.70
C1 EDO F . -5.56 14.15 -14.12
O1 EDO F . -6.68 13.93 -14.99
C2 EDO F . -5.93 13.81 -12.67
O2 EDO F . -5.12 12.75 -12.13
C1 EDO G . 1.62 -28.06 4.18
O1 EDO G . 1.30 -29.40 3.77
C2 EDO G . 0.35 -27.23 4.11
O2 EDO G . -0.02 -27.11 2.73
C1 EDO H . -25.45 -21.44 -7.89
O1 EDO H . -26.26 -21.19 -9.05
C2 EDO H . -26.20 -21.25 -6.57
O2 EDO H . -26.95 -22.43 -6.25
MG MG I . 12.78 -2.71 -21.69
MG MG J . -22.71 -6.69 18.46
CL CL K . -26.97 5.76 -19.31
ZN ZN L . 9.71 28.00 13.66
N SAH M . 16.85 6.54 2.55
CA SAH M . 17.08 5.29 3.28
CB SAH M . 18.02 5.45 4.48
CG SAH M . 17.40 6.08 5.74
SD SAH M . 18.56 6.40 7.08
C SAH M . 15.84 4.64 3.76
O SAH M . 14.78 5.27 3.76
OXT SAH M . 15.89 3.47 4.16
C5' SAH M . 19.15 8.03 6.93
C4' SAH M . 20.31 8.06 5.94
O4' SAH M . 20.62 9.41 5.64
C3' SAH M . 21.55 7.33 6.48
O3' SAH M . 22.14 6.41 5.52
C2' SAH M . 22.47 8.50 6.74
O2' SAH M . 23.87 8.21 6.60
C1' SAH M . 22.06 9.48 5.65
N9 SAH M . 22.28 10.91 5.81
C8 SAH M . 22.15 11.58 6.99
N7 SAH M . 22.35 12.89 6.74
C5 SAH M . 22.53 13.08 5.42
C6 SAH M . 22.77 14.20 4.51
N6 SAH M . 22.84 15.50 4.92
N1 SAH M . 22.92 13.92 3.20
C2 SAH M . 22.85 12.70 2.70
N3 SAH M . 22.66 11.65 3.49
C4 SAH M . 22.49 11.74 4.82
P JHZ N . 12.86 -1.21 11.63
C1 JHZ N . 15.55 2.40 11.59
O1 JHZ N . 14.45 2.32 12.51
C2 JHZ N . 16.35 3.63 11.99
P2 JHZ N . 14.04 0.96 13.27
C3 JHZ N . 16.12 4.76 11.01
N3 JHZ N . 16.34 6.08 11.63
C4 JHZ N . 14.66 4.76 10.63
O4 JHZ N . 14.07 5.82 10.68
C5 JHZ N . 14.08 3.47 10.13
O5 JHZ N . 15.06 2.44 10.25
C6 JHZ N . 13.84 3.76 8.63
C1X JHZ N . 14.32 -6.75 13.13
N11 JHZ N . 13.49 -7.84 12.59
O1P JHZ N . 13.07 -1.28 10.16
C2X JHZ N . 15.13 -6.05 12.05
C21 JHZ N . 13.52 -9.09 13.08
O21 JHZ N . 14.34 -9.44 14.10
O2P JHZ N . 11.42 -1.31 12.10
C3X JHZ N . 15.50 -4.76 12.73
O3X JHZ N . 16.62 -4.84 13.65
N31 JHZ N . 12.72 -10.08 12.57
C3M JHZ N . 16.99 4.64 9.76
O3P JHZ N . 15.25 0.06 13.56
C4X JHZ N . 14.22 -4.45 13.48
O4X JHZ N . 13.61 -5.71 13.83
C41 JHZ N . 11.87 -9.79 11.58
O41 JHZ N . 11.07 -10.75 11.05
O4P JHZ N . 13.00 1.37 14.28
C5X JHZ N . 13.31 -3.60 12.58
O5X JHZ N . 13.68 -2.23 12.55
C51 JHZ N . 11.79 -8.50 11.08
C5A JHZ N . 10.85 -8.12 9.95
C61 JHZ N . 12.63 -7.53 11.61
OPP JHZ N . 13.53 0.21 11.94
C1 EDO O . 5.67 4.17 -3.78
O1 EDO O . 5.43 4.55 -2.43
C2 EDO O . 4.46 4.53 -4.65
O2 EDO O . 3.64 5.45 -3.92
#